data_6PDS
#
_entry.id   6PDS
#
_cell.length_a   69.857
_cell.length_b   74.381
_cell.length_c   187.198
_cell.angle_alpha   90.000
_cell.angle_beta   90.000
_cell.angle_gamma   90.000
#
_symmetry.space_group_name_H-M   'P 21 21 21'
#
loop_
_entity.id
_entity.type
_entity.pdbx_description
1 polymer 'antibody 0PV-a.04 light chain'
2 polymer 'antibody 0PV-a.04 heavy chain'
3 polymer 'HIV-1 fusion peptide residue 512-519'
4 non-polymer 'SULFATE ION'
5 water water
#
loop_
_entity_poly.entity_id
_entity_poly.type
_entity_poly.pdbx_seq_one_letter_code
_entity_poly.pdbx_strand_id
1 'polypeptide(L)'
;DIQMTQSPSSLSASVGDRVTITCRASQGIDNNLSWYQQKPGKAPMRLMHHSSTLETGVPSRFSGSGSGADYSLTISGLQP
EDVAIYYCQQYENFPITFGGGTKVEIKRTVAAPSVFIFPPSEDQVKSGTVSVVCLLNNFYPREASVKWKVDGVLKTGNSQ
ESVTEQDSKDNTYSLSSTLTLSNTDYQSHNVYACEVTHQGLSSPVTKSFNRG
;
A,L
2 'polypeptide(L)'
;QVQLQESGPGLVRPSETLSLTCTLSGDSVSSRYYFWSWVRQPRGKGLEWIGGFYSNVEGYNYNPSLKSRVTISRDASKNQ
VSLKLTSVTATDTAVYYCVRERVVAHNYYGLDSWGQGVLVTVSSASTKGPSVFPLAPSSESTAALGCLVKDYFPEPVTVS
WNSGSLTSGVHTFPAVLQSSGLYSLSSVVTVPSSSLGTQTYVCNVNHKPSNTKVDKRVEI
;
B,H
3 'polypeptide(L)' AVGIGAVF G,C
#
# COMPACT_ATOMS: atom_id res chain seq x y z
N ASP A 1 -6.88 -16.83 -3.01
CA ASP A 1 -6.31 -15.50 -3.13
C ASP A 1 -6.96 -14.53 -2.14
N ILE A 2 -6.64 -13.25 -2.26
CA ILE A 2 -7.17 -12.23 -1.35
C ILE A 2 -8.57 -11.82 -1.79
N GLN A 3 -9.53 -11.97 -0.88
CA GLN A 3 -10.92 -11.60 -1.13
C GLN A 3 -11.15 -10.15 -0.71
N MET A 4 -11.89 -9.42 -1.54
CA MET A 4 -12.19 -8.01 -1.30
C MET A 4 -13.69 -7.85 -1.19
N THR A 5 -14.15 -7.29 -0.07
CA THR A 5 -15.57 -7.14 0.23
C THR A 5 -15.88 -5.66 0.39
N GLN A 6 -16.77 -5.14 -0.46
CA GLN A 6 -17.11 -3.73 -0.45
C GLN A 6 -18.48 -3.50 0.18
N SER A 7 -18.61 -2.36 0.88
CA SER A 7 -19.86 -2.00 1.51
C SER A 7 -20.07 -0.49 1.37
N PRO A 8 -21.30 -0.03 1.10
CA PRO A 8 -22.48 -0.84 0.79
C PRO A 8 -22.43 -1.26 -0.68
N SER A 9 -23.37 -2.12 -1.11
CA SER A 9 -23.42 -2.47 -2.52
C SER A 9 -24.05 -1.35 -3.35
N SER A 10 -24.92 -0.54 -2.73
CA SER A 10 -25.56 0.57 -3.41
C SER A 10 -25.78 1.70 -2.41
N LEU A 11 -25.85 2.92 -2.94
CA LEU A 11 -26.19 4.06 -2.10
C LEU A 11 -26.69 5.19 -2.97
N SER A 12 -27.52 6.04 -2.40
CA SER A 12 -27.98 7.25 -3.06
C SER A 12 -27.87 8.40 -2.07
N ALA A 13 -27.44 9.56 -2.56
CA ALA A 13 -27.24 10.72 -1.70
C ALA A 13 -27.36 11.97 -2.52
N SER A 14 -27.70 13.07 -1.86
CA SER A 14 -27.90 14.32 -2.57
C SER A 14 -26.57 14.95 -2.96
N VAL A 15 -26.62 15.82 -3.96
CA VAL A 15 -25.45 16.58 -4.36
C VAL A 15 -24.95 17.38 -3.17
N GLY A 16 -23.63 17.32 -2.93
CA GLY A 16 -23.03 17.99 -1.80
C GLY A 16 -22.91 17.14 -0.55
N ASP A 17 -23.50 15.95 -0.54
CA ASP A 17 -23.34 15.07 0.60
C ASP A 17 -21.92 14.51 0.66
N ARG A 18 -21.56 14.07 1.85
CA ARG A 18 -20.34 13.32 2.05
C ARG A 18 -20.71 11.84 2.11
N VAL A 19 -20.12 11.03 1.25
CA VAL A 19 -20.42 9.61 1.25
C VAL A 19 -19.13 8.82 1.45
N THR A 20 -19.26 7.66 2.08
CA THR A 20 -18.12 6.81 2.41
C THR A 20 -18.41 5.39 1.98
N ILE A 21 -17.44 4.77 1.31
CA ILE A 21 -17.47 3.39 0.87
C ILE A 21 -16.32 2.67 1.53
N THR A 22 -16.57 1.45 2.02
CA THR A 22 -15.54 0.69 2.71
C THR A 22 -15.19 -0.56 1.92
N CYS A 23 -13.95 -1.02 2.12
CA CYS A 23 -13.43 -2.20 1.47
C CYS A 23 -12.63 -2.96 2.53
N ARG A 24 -12.98 -4.23 2.74
CA ARG A 24 -12.28 -5.08 3.69
C ARG A 24 -11.62 -6.22 2.93
N ALA A 25 -10.31 -6.38 3.14
CA ALA A 25 -9.57 -7.48 2.54
C ALA A 25 -9.54 -8.67 3.50
N SER A 26 -9.46 -9.87 2.92
CA SER A 26 -9.40 -11.08 3.74
C SER A 26 -8.10 -11.20 4.53
N GLN A 27 -7.10 -10.38 4.20
CA GLN A 27 -5.83 -10.34 4.92
C GLN A 27 -5.22 -8.95 4.72
N GLY A 28 -4.20 -8.63 5.51
CA GLY A 28 -3.57 -7.32 5.40
C GLY A 28 -2.89 -7.11 4.05
N ILE A 29 -3.09 -5.93 3.46
CA ILE A 29 -2.54 -5.68 2.13
C ILE A 29 -1.60 -4.48 2.11
N ASP A 30 -1.22 -4.01 3.31
CA ASP A 30 -0.13 -3.04 3.48
C ASP A 30 -0.28 -1.82 2.57
N ASN A 31 -1.50 -1.28 2.55
CA ASN A 31 -1.85 -0.08 1.79
C ASN A 31 -1.71 -0.24 0.28
N ASN A 32 -1.54 -1.46 -0.23
CA ASN A 32 -1.45 -1.68 -1.67
C ASN A 32 -2.87 -1.80 -2.25
N LEU A 33 -3.53 -0.65 -2.33
CA LEU A 33 -4.94 -0.60 -2.71
C LEU A 33 -5.17 0.57 -3.65
N SER A 34 -6.02 0.34 -4.63
CA SER A 34 -6.44 1.36 -5.57
C SER A 34 -7.96 1.48 -5.55
N TRP A 35 -8.45 2.68 -5.88
CA TRP A 35 -9.87 2.92 -6.09
C TRP A 35 -10.06 3.38 -7.53
N TYR A 36 -11.03 2.73 -8.19
CA TYR A 36 -11.43 2.98 -9.57
C TYR A 36 -12.89 3.41 -9.62
N GLN A 37 -13.20 4.25 -10.60
CA GLN A 37 -14.53 4.73 -10.88
C GLN A 37 -14.93 4.32 -12.29
N GLN A 38 -16.12 3.73 -12.45
CA GLN A 38 -16.62 3.34 -13.75
C GLN A 38 -17.94 4.06 -13.99
N LYS A 39 -17.90 5.05 -14.87
CA LYS A 39 -19.09 5.78 -15.27
C LYS A 39 -19.89 4.98 -16.28
N PRO A 40 -21.18 5.26 -16.43
CA PRO A 40 -22.02 4.46 -17.32
C PRO A 40 -21.49 4.49 -18.74
N GLY A 41 -21.35 3.30 -19.34
CA GLY A 41 -20.88 3.15 -20.70
C GLY A 41 -19.38 3.25 -20.90
N LYS A 42 -18.59 3.43 -19.84
CA LYS A 42 -17.19 3.73 -19.97
C LYS A 42 -16.32 2.68 -19.28
N ALA A 43 -15.05 2.67 -19.64
CA ALA A 43 -14.07 1.85 -18.94
C ALA A 43 -13.80 2.46 -17.56
N PRO A 44 -13.39 1.64 -16.59
CA PRO A 44 -12.99 2.20 -15.29
C PRO A 44 -11.80 3.14 -15.45
N MET A 45 -11.71 4.12 -14.55
CA MET A 45 -10.56 5.00 -14.47
C MET A 45 -10.14 5.10 -13.01
N ARG A 46 -8.84 5.11 -12.76
CA ARG A 46 -8.35 5.05 -11.39
C ARG A 46 -8.46 6.40 -10.70
N LEU A 47 -8.98 6.39 -9.49
CA LEU A 47 -9.02 7.61 -8.67
C LEU A 47 -7.77 7.73 -7.82
N MET A 48 -7.31 6.62 -7.26
CA MET A 48 -6.13 6.73 -6.41
C MET A 48 -5.48 5.36 -6.24
N HIS A 49 -4.20 5.38 -5.85
CA HIS A 49 -3.41 4.19 -5.55
C HIS A 49 -2.73 4.38 -4.20
N HIS A 50 -2.13 3.30 -3.70
CA HIS A 50 -1.53 3.29 -2.36
C HIS A 50 -2.54 3.75 -1.30
N SER A 51 -3.81 3.49 -1.60
CA SER A 51 -5.01 3.71 -0.79
C SER A 51 -5.38 5.17 -0.61
N SER A 52 -4.44 6.10 -0.84
CA SER A 52 -4.73 7.51 -0.59
C SER A 52 -4.08 8.48 -1.56
N THR A 53 -3.28 8.01 -2.50
CA THR A 53 -2.54 8.90 -3.39
C THR A 53 -3.35 9.15 -4.66
N LEU A 54 -3.89 10.36 -4.79
CA LEU A 54 -4.75 10.69 -5.92
C LEU A 54 -3.95 10.74 -7.22
N GLU A 55 -4.61 10.35 -8.31
CA GLU A 55 -4.00 10.47 -9.62
C GLU A 55 -4.09 11.90 -10.13
N THR A 56 -3.25 12.23 -11.11
CA THR A 56 -3.28 13.55 -11.72
C THR A 56 -4.67 13.87 -12.23
N GLY A 57 -5.16 15.06 -11.91
CA GLY A 57 -6.44 15.52 -12.39
C GLY A 57 -7.64 14.99 -11.65
N VAL A 58 -7.46 14.16 -10.63
CA VAL A 58 -8.61 13.67 -9.86
C VAL A 58 -9.04 14.77 -8.89
N PRO A 59 -10.32 15.14 -8.88
CA PRO A 59 -10.77 16.22 -7.99
C PRO A 59 -10.49 15.91 -6.53
N SER A 60 -10.19 16.97 -5.77
CA SER A 60 -9.81 16.83 -4.37
C SER A 60 -10.95 16.33 -3.47
N ARG A 61 -12.20 16.34 -3.95
CA ARG A 61 -13.29 15.78 -3.16
C ARG A 61 -13.11 14.29 -2.88
N PHE A 62 -12.28 13.59 -3.66
CA PHE A 62 -12.02 12.18 -3.45
C PHE A 62 -10.83 12.01 -2.50
N SER A 63 -11.01 11.17 -1.47
CA SER A 63 -9.90 10.88 -0.58
C SER A 63 -9.98 9.44 -0.10
N GLY A 64 -8.82 8.88 0.25
CA GLY A 64 -8.74 7.51 0.73
C GLY A 64 -8.10 7.44 2.11
N SER A 65 -8.49 6.42 2.87
CA SER A 65 -7.89 6.18 4.18
C SER A 65 -7.93 4.69 4.49
N GLY A 66 -7.29 4.32 5.59
CA GLY A 66 -7.31 2.95 6.08
C GLY A 66 -5.92 2.36 6.19
N SER A 67 -5.89 1.13 6.71
CA SER A 67 -4.64 0.39 6.85
C SER A 67 -4.98 -1.09 7.04
N GLY A 68 -3.94 -1.91 7.00
CA GLY A 68 -4.10 -3.34 7.21
C GLY A 68 -5.02 -3.98 6.20
N ALA A 69 -6.21 -4.38 6.63
CA ALA A 69 -7.20 -4.97 5.75
C ALA A 69 -8.45 -4.10 5.60
N ASP A 70 -8.47 -2.89 6.17
CA ASP A 70 -9.68 -2.07 6.21
C ASP A 70 -9.39 -0.71 5.58
N TYR A 71 -10.15 -0.37 4.54
CA TYR A 71 -9.91 0.87 3.80
C TYR A 71 -11.23 1.54 3.46
N SER A 72 -11.16 2.83 3.18
CA SER A 72 -12.36 3.60 2.87
C SER A 72 -12.06 4.67 1.82
N LEU A 73 -13.02 4.85 0.92
CA LEU A 73 -13.05 5.95 -0.04
C LEU A 73 -14.13 6.93 0.37
N THR A 74 -13.78 8.20 0.47
CA THR A 74 -14.72 9.25 0.84
C THR A 74 -14.86 10.23 -0.31
N ILE A 75 -16.10 10.55 -0.66
CA ILE A 75 -16.43 11.63 -1.59
C ILE A 75 -17.00 12.76 -0.74
N SER A 76 -16.23 13.82 -0.59
CA SER A 76 -16.59 14.97 0.24
C SER A 76 -17.28 16.01 -0.65
N GLY A 77 -18.61 15.90 -0.77
CA GLY A 77 -19.31 16.78 -1.68
C GLY A 77 -19.61 16.15 -3.03
N LEU A 78 -20.55 15.21 -3.01
CA LEU A 78 -20.92 14.47 -4.21
C LEU A 78 -21.43 15.43 -5.28
N GLN A 79 -20.97 15.22 -6.52
CA GLN A 79 -21.34 16.01 -7.68
C GLN A 79 -22.26 15.23 -8.58
N PRO A 80 -23.04 15.92 -9.44
CA PRO A 80 -23.96 15.18 -10.33
C PRO A 80 -23.25 14.20 -11.24
N GLU A 81 -22.02 14.51 -11.68
CA GLU A 81 -21.27 13.64 -12.57
C GLU A 81 -20.62 12.47 -11.85
N ASP A 82 -20.85 12.30 -10.56
CA ASP A 82 -20.23 11.21 -9.81
C ASP A 82 -21.04 9.92 -9.87
N VAL A 83 -22.13 9.89 -10.64
CA VAL A 83 -22.90 8.67 -10.87
C VAL A 83 -21.98 7.61 -11.44
N ALA A 84 -21.83 6.48 -10.73
CA ALA A 84 -20.84 5.51 -11.20
C ALA A 84 -20.85 4.29 -10.29
N ILE A 85 -20.11 3.25 -10.71
CA ILE A 85 -19.78 2.13 -9.84
C ILE A 85 -18.32 2.29 -9.41
N TYR A 86 -18.07 2.19 -8.11
CA TYR A 86 -16.73 2.35 -7.56
C TYR A 86 -16.19 1.00 -7.09
N TYR A 87 -14.93 0.73 -7.40
CA TYR A 87 -14.30 -0.55 -7.09
C TYR A 87 -12.99 -0.33 -6.34
N CYS A 88 -12.77 -1.13 -5.31
CA CYS A 88 -11.43 -1.24 -4.74
C CYS A 88 -10.67 -2.37 -5.43
N GLN A 89 -9.35 -2.29 -5.37
CA GLN A 89 -8.48 -3.31 -5.95
C GLN A 89 -7.24 -3.47 -5.07
N GLN A 90 -6.87 -4.71 -4.77
CA GLN A 90 -5.62 -4.98 -4.08
C GLN A 90 -4.56 -5.41 -5.08
N TYR A 91 -3.34 -4.92 -4.89
CA TYR A 91 -2.18 -5.38 -5.63
C TYR A 91 -1.05 -5.74 -4.66
N GLU A 92 -1.42 -6.30 -3.52
CA GLU A 92 -0.44 -6.87 -2.61
C GLU A 92 0.11 -8.18 -3.16
N ASN A 93 -0.75 -9.01 -3.75
CA ASN A 93 -0.37 -10.32 -4.28
C ASN A 93 -1.05 -10.55 -5.62
N PHE A 94 -0.48 -11.46 -6.40
CA PHE A 94 -1.20 -12.03 -7.52
C PHE A 94 -2.06 -13.19 -7.04
N PRO A 95 -3.25 -13.40 -7.63
CA PRO A 95 -3.83 -12.58 -8.69
C PRO A 95 -4.39 -11.26 -8.16
N ILE A 96 -4.35 -10.23 -9.01
CA ILE A 96 -5.06 -9.01 -8.70
C ILE A 96 -6.52 -9.33 -8.46
N THR A 97 -7.11 -8.71 -7.43
CA THR A 97 -8.53 -8.92 -7.18
C THR A 97 -9.20 -7.58 -6.89
N PHE A 98 -10.48 -7.48 -7.26
CA PHE A 98 -11.29 -6.28 -7.09
C PHE A 98 -12.42 -6.54 -6.11
N GLY A 99 -12.90 -5.47 -5.48
CA GLY A 99 -14.15 -5.56 -4.75
C GLY A 99 -15.32 -5.73 -5.71
N GLY A 100 -16.48 -6.07 -5.14
CA GLY A 100 -17.66 -6.31 -5.95
C GLY A 100 -18.30 -5.06 -6.52
N GLY A 101 -17.91 -3.89 -6.03
CA GLY A 101 -18.42 -2.64 -6.56
C GLY A 101 -19.48 -2.01 -5.67
N THR A 102 -19.56 -0.68 -5.74
CA THR A 102 -20.57 0.10 -5.04
C THR A 102 -21.19 1.06 -6.04
N LYS A 103 -22.48 0.89 -6.29
CA LYS A 103 -23.18 1.77 -7.21
C LYS A 103 -23.62 3.03 -6.49
N VAL A 104 -23.28 4.18 -7.05
CA VAL A 104 -23.60 5.49 -6.49
C VAL A 104 -24.56 6.20 -7.43
N GLU A 105 -25.72 6.57 -6.89
CA GLU A 105 -26.76 7.32 -7.54
C GLU A 105 -26.99 8.63 -6.79
N ILE A 106 -27.52 9.61 -7.51
CA ILE A 106 -27.76 10.94 -6.97
C ILE A 106 -29.23 11.09 -6.62
N LYS A 107 -29.50 11.60 -5.42
CA LYS A 107 -30.84 12.07 -5.08
C LYS A 107 -30.99 13.50 -5.59
N ARG A 108 -32.14 13.80 -6.18
CA ARG A 108 -32.41 15.15 -6.66
C ARG A 108 -33.91 15.42 -6.51
N THR A 109 -34.33 16.61 -6.92
CA THR A 109 -35.73 16.97 -6.82
C THR A 109 -36.57 16.11 -7.77
N VAL A 110 -37.83 15.93 -7.40
CA VAL A 110 -38.77 15.20 -8.27
C VAL A 110 -38.90 15.90 -9.61
N ALA A 111 -38.87 15.12 -10.68
CA ALA A 111 -39.13 15.61 -12.04
C ALA A 111 -40.13 14.70 -12.71
N ALA A 112 -41.20 15.28 -13.24
CA ALA A 112 -42.24 14.47 -13.87
C ALA A 112 -41.79 14.01 -15.26
N PRO A 113 -42.14 12.80 -15.66
CA PRO A 113 -41.75 12.32 -16.99
C PRO A 113 -42.57 13.01 -18.08
N SER A 114 -41.93 13.23 -19.22
CA SER A 114 -42.65 13.56 -20.43
C SER A 114 -43.04 12.26 -21.13
N VAL A 115 -44.32 12.09 -21.44
CA VAL A 115 -44.85 10.81 -21.88
C VAL A 115 -45.17 10.89 -23.37
N PHE A 116 -44.71 9.89 -24.13
CA PHE A 116 -44.97 9.79 -25.56
C PHE A 116 -45.41 8.36 -25.89
N ILE A 117 -46.25 8.24 -26.90
CA ILE A 117 -46.68 6.93 -27.39
C ILE A 117 -46.39 6.84 -28.88
N PHE A 118 -45.90 5.68 -29.30
CA PHE A 118 -45.43 5.42 -30.66
C PHE A 118 -46.22 4.25 -31.21
N PRO A 119 -47.10 4.50 -32.18
CA PRO A 119 -47.77 3.41 -32.85
C PRO A 119 -46.81 2.69 -33.80
N PRO A 120 -47.00 1.40 -34.00
CA PRO A 120 -46.12 0.66 -34.90
C PRO A 120 -46.26 1.14 -36.34
N SER A 121 -45.14 1.19 -37.04
CA SER A 121 -45.18 1.42 -38.47
C SER A 121 -45.81 0.23 -39.17
N GLU A 122 -46.23 0.42 -40.43
CA GLU A 122 -46.87 -0.69 -41.11
C GLU A 122 -45.88 -1.65 -41.75
N ASP A 123 -44.59 -1.29 -41.85
CA ASP A 123 -43.57 -2.32 -42.00
C ASP A 123 -43.69 -3.35 -40.87
N GLN A 124 -43.77 -2.85 -39.63
CA GLN A 124 -43.99 -3.71 -38.49
C GLN A 124 -45.25 -4.53 -38.68
N VAL A 125 -46.32 -3.88 -39.15
CA VAL A 125 -47.57 -4.58 -39.39
C VAL A 125 -47.39 -5.69 -40.42
N LYS A 126 -46.61 -5.44 -41.46
CA LYS A 126 -46.34 -6.48 -42.45
C LYS A 126 -45.51 -7.61 -41.87
N SER A 127 -44.77 -7.36 -40.78
CA SER A 127 -43.77 -8.33 -40.30
C SER A 127 -44.36 -9.56 -39.63
N GLY A 128 -45.57 -9.51 -39.07
CA GLY A 128 -46.12 -10.60 -38.28
C GLY A 128 -46.21 -10.31 -36.79
N THR A 129 -45.42 -9.36 -36.29
CA THR A 129 -45.41 -8.97 -34.89
C THR A 129 -45.36 -7.44 -34.81
N VAL A 130 -46.04 -6.87 -33.82
CA VAL A 130 -46.19 -5.43 -33.70
C VAL A 130 -45.78 -5.00 -32.29
N SER A 131 -45.07 -3.88 -32.21
CA SER A 131 -44.62 -3.32 -30.94
C SER A 131 -45.08 -1.87 -30.80
N VAL A 132 -45.84 -1.59 -29.75
CA VAL A 132 -46.27 -0.25 -29.40
C VAL A 132 -45.36 0.25 -28.28
N VAL A 133 -44.79 1.45 -28.45
CA VAL A 133 -43.77 1.92 -27.50
C VAL A 133 -44.32 3.12 -26.75
N CYS A 134 -44.19 3.09 -25.41
CA CYS A 134 -44.51 4.22 -24.56
C CYS A 134 -43.21 4.66 -23.87
N LEU A 135 -42.87 5.94 -24.02
CA LEU A 135 -41.63 6.49 -23.51
C LEU A 135 -41.93 7.47 -22.38
N LEU A 136 -41.25 7.29 -21.24
CA LEU A 136 -41.26 8.22 -20.11
C LEU A 136 -39.88 8.86 -20.09
N ASN A 137 -39.81 10.15 -20.37
CA ASN A 137 -38.53 10.81 -20.59
C ASN A 137 -38.18 11.74 -19.43
N ASN A 138 -36.96 11.57 -18.93
CA ASN A 138 -36.26 12.52 -18.06
C ASN A 138 -37.06 12.79 -16.78
N PHE A 139 -37.17 11.75 -15.96
CA PHE A 139 -37.93 11.83 -14.72
C PHE A 139 -37.09 11.36 -13.54
N TYR A 140 -37.53 11.76 -12.34
CA TYR A 140 -36.94 11.37 -11.08
C TYR A 140 -38.06 11.46 -10.05
N PRO A 141 -38.18 10.47 -9.14
CA PRO A 141 -37.31 9.30 -9.00
C PRO A 141 -37.59 8.19 -10.00
N ARG A 142 -36.78 7.13 -9.92
CA ARG A 142 -36.84 6.02 -10.88
C ARG A 142 -38.21 5.35 -10.89
N GLU A 143 -38.89 5.30 -9.74
CA GLU A 143 -40.12 4.53 -9.61
C GLU A 143 -41.24 5.18 -10.42
N ALA A 144 -41.88 4.39 -11.28
CA ALA A 144 -43.01 4.86 -12.06
C ALA A 144 -43.92 3.67 -12.38
N SER A 145 -45.18 3.98 -12.70
CA SER A 145 -46.15 2.95 -13.06
C SER A 145 -46.69 3.21 -14.46
N VAL A 146 -46.64 2.19 -15.31
CA VAL A 146 -47.13 2.26 -16.68
C VAL A 146 -48.18 1.19 -16.89
N LYS A 147 -49.38 1.60 -17.29
CA LYS A 147 -50.46 0.69 -17.61
C LYS A 147 -50.76 0.78 -19.10
N TRP A 148 -50.97 -0.37 -19.73
CA TRP A 148 -51.36 -0.46 -21.13
C TRP A 148 -52.86 -0.66 -21.22
N LYS A 149 -53.47 0.06 -22.15
CA LYS A 149 -54.92 0.00 -22.38
C LYS A 149 -55.26 -0.17 -23.83
N VAL A 150 -56.11 -1.17 -24.07
CA VAL A 150 -56.50 -1.62 -25.40
C VAL A 150 -58.02 -1.51 -25.46
N ASP A 151 -58.50 -0.47 -26.14
CA ASP A 151 -59.93 -0.19 -26.19
C ASP A 151 -60.51 -0.17 -24.78
N GLY A 152 -59.74 0.34 -23.82
CA GLY A 152 -60.18 0.50 -22.45
C GLY A 152 -59.97 -0.67 -21.51
N VAL A 153 -59.45 -1.80 -21.99
CA VAL A 153 -59.19 -2.96 -21.14
C VAL A 153 -57.70 -3.01 -20.87
N LEU A 154 -57.30 -3.53 -19.71
CA LEU A 154 -55.88 -3.50 -19.36
C LEU A 154 -55.17 -4.73 -19.88
N LYS A 155 -54.01 -4.50 -20.46
CA LYS A 155 -53.21 -5.49 -21.19
C LYS A 155 -51.82 -5.35 -20.60
N THR A 156 -51.49 -6.16 -19.61
CA THR A 156 -50.18 -6.07 -19.00
C THR A 156 -49.36 -7.34 -19.12
N GLY A 157 -49.93 -8.41 -19.68
CA GLY A 157 -49.19 -9.65 -19.86
C GLY A 157 -48.04 -9.57 -20.84
N ASN A 158 -48.19 -8.79 -21.92
CA ASN A 158 -47.21 -8.78 -23.01
C ASN A 158 -46.47 -7.45 -23.12
N SER A 159 -46.13 -6.83 -22.00
CA SER A 159 -45.33 -5.61 -22.03
C SER A 159 -44.02 -5.87 -21.31
N GLN A 160 -43.01 -5.08 -21.68
CA GLN A 160 -41.71 -5.16 -21.03
C GLN A 160 -41.11 -3.77 -20.93
N GLU A 161 -40.34 -3.55 -19.87
CA GLU A 161 -39.79 -2.24 -19.58
C GLU A 161 -38.26 -2.27 -19.58
N SER A 162 -37.68 -1.13 -19.95
CA SER A 162 -36.24 -0.92 -19.89
C SER A 162 -35.97 0.49 -19.39
N VAL A 163 -34.95 0.64 -18.56
CA VAL A 163 -34.65 1.91 -17.91
C VAL A 163 -33.20 2.25 -18.15
N THR A 164 -32.93 3.51 -18.51
CA THR A 164 -31.55 3.94 -18.68
C THR A 164 -30.84 4.03 -17.33
N GLU A 165 -29.51 4.10 -17.40
CA GLU A 165 -28.77 4.48 -16.20
C GLU A 165 -28.99 5.96 -15.91
N GLN A 166 -28.71 6.36 -14.68
CA GLN A 166 -28.93 7.74 -14.29
C GLN A 166 -28.05 8.69 -15.11
N ASP A 167 -28.66 9.75 -15.62
CA ASP A 167 -27.94 10.71 -16.45
C ASP A 167 -26.90 11.45 -15.62
N SER A 168 -25.73 11.68 -16.22
CA SER A 168 -24.61 12.27 -15.48
C SER A 168 -24.69 13.79 -15.39
N LYS A 169 -25.64 14.44 -16.05
CA LYS A 169 -25.76 15.88 -15.98
C LYS A 169 -27.01 16.33 -15.24
N ASP A 170 -28.18 15.77 -15.56
CA ASP A 170 -29.40 16.18 -14.89
C ASP A 170 -29.92 15.11 -13.92
N ASN A 171 -29.21 13.99 -13.79
CA ASN A 171 -29.50 12.95 -12.81
C ASN A 171 -30.91 12.40 -12.92
N THR A 172 -31.46 12.36 -14.13
CA THR A 172 -32.78 11.80 -14.36
C THR A 172 -32.66 10.41 -15.01
N TYR A 173 -33.81 9.74 -15.11
CA TYR A 173 -33.93 8.46 -15.79
C TYR A 173 -34.90 8.59 -16.95
N SER A 174 -34.80 7.67 -17.90
CA SER A 174 -35.81 7.48 -18.93
C SER A 174 -36.19 6.01 -18.98
N LEU A 175 -37.40 5.74 -19.45
CA LEU A 175 -37.96 4.40 -19.40
C LEU A 175 -38.78 4.15 -20.66
N SER A 176 -38.66 2.94 -21.19
CA SER A 176 -39.51 2.49 -22.28
C SER A 176 -40.36 1.33 -21.78
N SER A 177 -41.64 1.35 -22.15
CA SER A 177 -42.54 0.21 -22.00
C SER A 177 -43.02 -0.19 -23.39
N THR A 178 -42.79 -1.45 -23.76
CA THR A 178 -43.08 -1.93 -25.10
C THR A 178 -44.12 -3.04 -25.00
N LEU A 179 -45.24 -2.86 -25.67
CA LEU A 179 -46.32 -3.84 -25.74
C LEU A 179 -46.20 -4.59 -27.06
N THR A 180 -46.06 -5.92 -26.98
CA THR A 180 -45.86 -6.76 -28.15
C THR A 180 -47.08 -7.62 -28.40
N LEU A 181 -47.61 -7.56 -29.62
CA LEU A 181 -48.80 -8.32 -30.00
C LEU A 181 -48.62 -8.89 -31.39
N SER A 182 -49.50 -9.82 -31.74
CA SER A 182 -49.59 -10.24 -33.13
C SER A 182 -50.29 -9.16 -33.95
N ASN A 183 -50.08 -9.24 -35.26
CA ASN A 183 -50.74 -8.29 -36.17
C ASN A 183 -52.25 -8.46 -36.17
N THR A 184 -52.73 -9.71 -36.12
CA THR A 184 -54.16 -9.92 -36.14
C THR A 184 -54.80 -9.42 -34.86
N ASP A 185 -54.14 -9.66 -33.73
CA ASP A 185 -54.61 -9.12 -32.46
C ASP A 185 -54.54 -7.59 -32.44
N TYR A 186 -53.48 -7.01 -33.01
CA TYR A 186 -53.33 -5.56 -33.02
C TYR A 186 -54.39 -4.90 -33.90
N GLN A 187 -54.68 -5.47 -35.05
CA GLN A 187 -55.64 -4.87 -35.97
C GLN A 187 -57.08 -5.22 -35.63
N SER A 188 -57.31 -6.06 -34.61
CA SER A 188 -58.63 -6.33 -34.08
C SER A 188 -59.04 -5.35 -32.98
N HIS A 189 -58.22 -4.36 -32.69
CA HIS A 189 -58.49 -3.37 -31.66
C HIS A 189 -58.25 -1.99 -32.23
N ASN A 190 -58.67 -0.97 -31.48
CA ASN A 190 -58.96 0.25 -32.18
C ASN A 190 -58.16 1.44 -31.69
N VAL A 191 -58.12 1.64 -30.37
CA VAL A 191 -57.38 2.74 -29.75
C VAL A 191 -56.44 2.15 -28.71
N TYR A 192 -55.19 2.60 -28.71
CA TYR A 192 -54.17 2.12 -27.79
C TYR A 192 -53.68 3.29 -26.95
N ALA A 193 -53.57 3.07 -25.64
CA ALA A 193 -53.14 4.12 -24.73
C ALA A 193 -52.19 3.55 -23.69
N CYS A 194 -51.26 4.40 -23.24
CA CYS A 194 -50.45 4.11 -22.07
C CYS A 194 -50.71 5.18 -21.01
N GLU A 195 -50.86 4.72 -19.77
CA GLU A 195 -51.25 5.55 -18.64
C GLU A 195 -50.15 5.50 -17.59
N VAL A 196 -49.65 6.66 -17.21
CA VAL A 196 -48.44 6.79 -16.40
C VAL A 196 -48.81 7.49 -15.11
N THR A 197 -48.43 6.87 -13.99
CA THR A 197 -48.49 7.50 -12.68
C THR A 197 -47.08 7.61 -12.12
N HIS A 198 -46.79 8.76 -11.52
CA HIS A 198 -45.46 9.10 -11.02
C HIS A 198 -45.63 10.18 -9.95
N GLN A 199 -44.65 10.27 -9.05
CA GLN A 199 -44.73 11.24 -7.97
C GLN A 199 -44.85 12.66 -8.50
N GLY A 200 -44.22 12.95 -9.64
CA GLY A 200 -44.25 14.28 -10.22
C GLY A 200 -45.54 14.67 -10.92
N LEU A 201 -46.48 13.76 -11.06
CA LEU A 201 -47.70 13.99 -11.82
C LEU A 201 -48.87 14.17 -10.86
N SER A 202 -49.53 15.33 -10.95
CA SER A 202 -50.69 15.60 -10.10
C SER A 202 -51.81 14.61 -10.37
N SER A 203 -52.05 14.30 -11.64
CA SER A 203 -53.00 13.30 -12.09
C SER A 203 -52.31 12.38 -13.07
N PRO A 204 -52.73 11.12 -13.16
CA PRO A 204 -52.15 10.21 -14.15
C PRO A 204 -52.24 10.81 -15.55
N VAL A 205 -51.20 10.59 -16.34
CA VAL A 205 -51.14 11.07 -17.72
C VAL A 205 -51.36 9.90 -18.66
N THR A 206 -52.30 10.03 -19.58
CA THR A 206 -52.55 8.97 -20.55
C THR A 206 -52.34 9.52 -21.95
N LYS A 207 -51.58 8.79 -22.76
CA LYS A 207 -51.31 9.12 -24.14
C LYS A 207 -51.91 8.03 -25.02
N SER A 208 -52.50 8.43 -26.14
CA SER A 208 -53.40 7.55 -26.86
C SER A 208 -53.26 7.76 -28.36
N PHE A 209 -53.67 6.74 -29.12
CA PHE A 209 -53.75 6.88 -30.56
C PHE A 209 -54.84 5.96 -31.12
N ASN A 210 -55.33 6.35 -32.30
CA ASN A 210 -56.39 5.62 -33.01
C ASN A 210 -55.75 4.81 -34.13
N ARG A 211 -55.96 3.49 -34.12
CA ARG A 211 -55.45 2.67 -35.21
C ARG A 211 -56.19 3.01 -36.49
N GLY A 212 -55.44 3.26 -37.56
CA GLY A 212 -56.02 3.65 -38.83
C GLY A 212 -56.38 5.12 -38.91
N GLN B 1 -3.03 11.75 -27.42
CA GLN B 1 -3.32 10.84 -28.51
C GLN B 1 -2.70 9.46 -28.28
N VAL B 2 -2.49 9.11 -27.01
CA VAL B 2 -2.08 7.76 -26.64
C VAL B 2 -3.36 7.01 -26.33
N GLN B 3 -3.59 5.89 -27.02
CA GLN B 3 -4.83 5.18 -26.79
C GLN B 3 -4.67 3.70 -27.10
N LEU B 4 -5.50 2.90 -26.44
CA LEU B 4 -5.59 1.46 -26.69
C LEU B 4 -6.89 1.18 -27.42
N GLN B 5 -6.78 0.48 -28.54
CA GLN B 5 -7.93 0.13 -29.38
C GLN B 5 -8.07 -1.38 -29.42
N GLU B 6 -9.19 -1.89 -28.92
CA GLU B 6 -9.44 -3.32 -28.85
C GLU B 6 -10.20 -3.81 -30.06
N SER B 7 -9.92 -5.05 -30.46
CA SER B 7 -10.62 -5.67 -31.57
C SER B 7 -10.64 -7.18 -31.38
N GLY B 8 -11.64 -7.81 -31.99
CA GLY B 8 -11.79 -9.24 -31.92
C GLY B 8 -13.25 -9.64 -32.00
N PRO B 9 -13.49 -10.93 -32.24
CA PRO B 9 -14.87 -11.39 -32.44
C PRO B 9 -15.73 -11.24 -31.19
N GLY B 10 -16.97 -10.79 -31.40
CA GLY B 10 -17.96 -10.68 -30.34
C GLY B 10 -18.68 -11.98 -30.00
N LEU B 11 -18.55 -13.01 -30.84
CA LEU B 11 -19.21 -14.29 -30.60
C LEU B 11 -18.19 -15.41 -30.78
N VAL B 12 -18.13 -16.31 -29.81
CA VAL B 12 -17.18 -17.42 -29.80
C VAL B 12 -17.95 -18.69 -29.45
N ARG B 13 -17.67 -19.79 -30.17
CA ARG B 13 -18.34 -21.05 -29.88
C ARG B 13 -17.75 -21.70 -28.62
N PRO B 14 -18.59 -22.37 -27.84
CA PRO B 14 -18.07 -23.10 -26.67
C PRO B 14 -16.99 -24.09 -27.08
N SER B 15 -16.00 -24.22 -26.21
CA SER B 15 -14.82 -25.08 -26.31
C SER B 15 -13.76 -24.52 -27.26
N GLU B 16 -14.02 -23.43 -27.97
CA GLU B 16 -12.98 -22.89 -28.81
C GLU B 16 -12.25 -21.73 -28.12
N THR B 17 -11.37 -21.08 -28.87
CA THR B 17 -10.45 -20.10 -28.32
C THR B 17 -10.95 -18.69 -28.57
N LEU B 18 -11.09 -17.93 -27.49
CA LEU B 18 -11.39 -16.51 -27.56
C LEU B 18 -10.09 -15.76 -27.82
N SER B 19 -10.09 -14.91 -28.83
CA SER B 19 -8.90 -14.16 -29.21
C SER B 19 -9.24 -12.68 -29.28
N LEU B 20 -8.44 -11.84 -28.62
CA LEU B 20 -8.59 -10.40 -28.67
C LEU B 20 -7.24 -9.74 -28.86
N THR B 21 -7.26 -8.59 -29.53
CA THR B 21 -6.05 -7.82 -29.79
C THR B 21 -6.24 -6.38 -29.32
N CYS B 22 -5.20 -5.82 -28.72
CA CYS B 22 -5.16 -4.46 -28.23
C CYS B 22 -4.03 -3.74 -28.98
N THR B 23 -4.37 -2.70 -29.73
CA THR B 23 -3.40 -1.94 -30.52
C THR B 23 -3.15 -0.61 -29.85
N LEU B 24 -1.88 -0.32 -29.55
CA LEU B 24 -1.49 0.89 -28.87
C LEU B 24 -1.04 1.92 -29.91
N SER B 25 -1.53 3.15 -29.77
CA SER B 25 -1.04 4.25 -30.60
C SER B 25 -0.57 5.39 -29.71
N GLY B 26 0.51 6.05 -30.12
CA GLY B 26 1.08 7.17 -29.40
C GLY B 26 2.22 6.84 -28.46
N ASP B 27 2.59 5.56 -28.37
CA ASP B 27 3.71 5.08 -27.57
C ASP B 27 4.01 3.66 -28.03
N SER B 28 5.19 3.18 -27.68
CA SER B 28 5.58 1.82 -28.02
C SER B 28 5.16 0.86 -26.92
N VAL B 29 4.74 -0.35 -27.32
CA VAL B 29 4.38 -1.36 -26.32
C VAL B 29 5.58 -1.81 -25.51
N SER B 30 6.80 -1.58 -25.99
CA SER B 30 7.98 -1.99 -25.24
C SER B 30 8.48 -0.90 -24.30
N SER B 31 7.77 0.22 -24.18
CA SER B 31 8.15 1.24 -23.21
C SER B 31 8.19 0.63 -21.81
N ARG B 32 9.26 0.91 -21.08
CA ARG B 32 9.54 0.23 -19.82
C ARG B 32 8.63 0.71 -18.69
N TYR B 33 8.55 -0.14 -17.65
CA TYR B 33 7.88 0.19 -16.40
C TYR B 33 6.39 0.43 -16.58
N TYR B 34 5.77 -0.43 -17.37
CA TYR B 34 4.32 -0.50 -17.47
C TYR B 34 3.85 -1.90 -17.11
N PHE B 35 2.72 -1.95 -16.41
CA PHE B 35 2.05 -3.20 -16.05
C PHE B 35 0.78 -3.28 -16.90
N TRP B 36 0.78 -4.23 -17.84
CA TRP B 36 -0.38 -4.49 -18.67
C TRP B 36 -1.23 -5.57 -18.02
N SER B 37 -2.54 -5.45 -18.21
CA SER B 37 -3.50 -6.44 -17.72
C SER B 37 -4.59 -6.64 -18.75
N TRP B 38 -5.23 -7.79 -18.65
CA TRP B 38 -6.52 -8.05 -19.26
C TRP B 38 -7.51 -8.26 -18.11
N VAL B 39 -8.61 -7.51 -18.15
CA VAL B 39 -9.62 -7.52 -17.09
C VAL B 39 -10.97 -7.77 -17.76
N ARG B 40 -11.85 -8.52 -17.11
CA ARG B 40 -13.15 -8.74 -17.70
C ARG B 40 -14.25 -8.45 -16.69
N GLN B 41 -15.44 -8.17 -17.22
CA GLN B 41 -16.60 -7.76 -16.46
C GLN B 41 -17.81 -8.54 -16.97
N PRO B 42 -18.22 -9.59 -16.27
CA PRO B 42 -19.38 -10.38 -16.68
C PRO B 42 -20.68 -9.67 -16.31
N ARG B 43 -21.81 -10.33 -16.61
CA ARG B 43 -23.11 -9.71 -16.43
C ARG B 43 -23.38 -9.36 -14.97
N GLY B 44 -23.14 -10.31 -14.07
CA GLY B 44 -23.12 -9.99 -12.65
C GLY B 44 -21.83 -9.24 -12.43
N LYS B 45 -21.82 -7.98 -12.87
CA LYS B 45 -20.56 -7.27 -13.04
C LYS B 45 -19.86 -6.98 -11.72
N GLY B 46 -18.67 -7.53 -11.62
CA GLY B 46 -17.58 -6.97 -10.84
C GLY B 46 -16.45 -7.08 -11.82
N LEU B 47 -15.22 -6.79 -11.43
CA LEU B 47 -14.09 -6.89 -12.33
C LEU B 47 -13.26 -8.09 -11.94
N GLU B 48 -12.83 -8.86 -12.93
CA GLU B 48 -11.97 -10.02 -12.72
C GLU B 48 -10.69 -9.85 -13.52
N TRP B 49 -9.55 -9.97 -12.85
CA TRP B 49 -8.25 -9.88 -13.48
C TRP B 49 -7.90 -11.23 -14.11
N ILE B 50 -7.63 -11.22 -15.41
CA ILE B 50 -7.31 -12.44 -16.18
C ILE B 50 -5.83 -12.75 -16.13
N GLY B 51 -5.00 -11.73 -16.28
CA GLY B 51 -3.56 -11.89 -16.35
C GLY B 51 -2.93 -10.57 -16.77
N GLY B 52 -1.60 -10.58 -16.82
CA GLY B 52 -0.88 -9.37 -17.19
C GLY B 52 0.60 -9.62 -17.26
N PHE B 53 1.34 -8.55 -17.53
CA PHE B 53 2.80 -8.65 -17.64
C PHE B 53 3.43 -7.29 -17.42
N TYR B 54 4.72 -7.31 -17.09
CA TYR B 54 5.51 -6.10 -17.03
C TYR B 54 6.22 -5.89 -18.35
N SER B 55 6.17 -4.67 -18.88
CA SER B 55 6.62 -4.41 -20.24
C SER B 55 8.10 -4.73 -20.43
N ASN B 56 8.93 -4.62 -19.39
CA ASN B 56 10.35 -4.92 -19.56
C ASN B 56 10.75 -6.26 -18.96
N VAL B 57 9.82 -7.22 -18.85
CA VAL B 57 10.08 -8.53 -18.27
C VAL B 57 9.46 -9.61 -19.14
N GLU B 58 10.24 -10.63 -19.48
CA GLU B 58 9.75 -11.72 -20.33
C GLU B 58 8.68 -12.51 -19.59
N GLY B 59 7.67 -12.96 -20.35
CA GLY B 59 6.61 -13.79 -19.78
C GLY B 59 5.42 -12.99 -19.30
N TYR B 60 4.45 -13.71 -18.72
CA TYR B 60 3.23 -13.09 -18.24
C TYR B 60 2.68 -13.85 -17.05
N ASN B 61 1.93 -13.15 -16.20
CA ASN B 61 1.25 -13.73 -15.06
C ASN B 61 -0.22 -14.00 -15.40
N TYR B 62 -0.80 -15.01 -14.75
CA TYR B 62 -2.17 -15.38 -15.03
C TYR B 62 -2.93 -15.65 -13.74
N ASN B 63 -4.24 -15.48 -13.80
CA ASN B 63 -5.10 -15.80 -12.67
C ASN B 63 -5.21 -17.32 -12.57
N PRO B 64 -4.78 -17.94 -11.46
CA PRO B 64 -4.80 -19.41 -11.41
C PRO B 64 -6.19 -20.01 -11.47
N SER B 65 -7.24 -19.22 -11.22
CA SER B 65 -8.60 -19.71 -11.41
C SER B 65 -8.89 -20.09 -12.86
N LEU B 66 -8.15 -19.54 -13.81
CA LEU B 66 -8.28 -19.84 -15.25
C LEU B 66 -7.25 -20.86 -15.70
N LYS B 67 -7.13 -21.97 -14.97
CA LYS B 67 -5.85 -22.58 -14.62
C LYS B 67 -4.77 -22.48 -15.70
N SER B 68 -4.90 -23.19 -16.82
CA SER B 68 -3.87 -23.14 -17.85
C SER B 68 -4.34 -22.51 -19.15
N ARG B 69 -5.51 -21.86 -19.14
CA ARG B 69 -6.16 -21.46 -20.39
C ARG B 69 -5.73 -20.10 -20.91
N VAL B 70 -4.88 -19.36 -20.19
CA VAL B 70 -4.56 -17.98 -20.53
C VAL B 70 -3.24 -17.91 -21.29
N THR B 71 -3.24 -17.21 -22.42
CA THR B 71 -2.02 -16.85 -23.12
C THR B 71 -2.07 -15.36 -23.43
N ILE B 72 -1.04 -14.63 -23.02
CA ILE B 72 -0.92 -13.21 -23.36
C ILE B 72 0.37 -13.02 -24.14
N SER B 73 0.28 -12.37 -25.29
CA SER B 73 1.45 -12.19 -26.16
C SER B 73 1.61 -10.74 -26.54
N ARG B 74 2.82 -10.39 -27.00
CA ARG B 74 3.14 -9.05 -27.47
C ARG B 74 3.77 -9.13 -28.85
N ASP B 75 3.38 -8.23 -29.74
CA ASP B 75 3.90 -8.14 -31.10
C ASP B 75 4.45 -6.72 -31.25
N ALA B 76 5.76 -6.58 -31.10
CA ALA B 76 6.38 -5.25 -31.10
C ALA B 76 6.35 -4.62 -32.49
N SER B 77 6.44 -5.44 -33.54
CA SER B 77 6.43 -4.87 -34.89
C SER B 77 5.09 -4.25 -35.23
N LYS B 78 4.00 -4.74 -34.63
CA LYS B 78 2.67 -4.18 -34.85
C LYS B 78 2.19 -3.32 -33.69
N ASN B 79 2.98 -3.22 -32.61
CA ASN B 79 2.61 -2.47 -31.42
C ASN B 79 1.29 -2.99 -30.84
N GLN B 80 1.19 -4.32 -30.73
CA GLN B 80 -0.04 -4.96 -30.28
C GLN B 80 0.24 -5.88 -29.09
N VAL B 81 -0.78 -6.06 -28.25
CA VAL B 81 -0.77 -7.10 -27.23
C VAL B 81 -2.05 -7.92 -27.40
N SER B 82 -1.95 -9.22 -27.14
CA SER B 82 -3.03 -10.13 -27.47
C SER B 82 -3.38 -11.00 -26.27
N LEU B 83 -4.64 -11.41 -26.22
CA LEU B 83 -5.13 -12.38 -25.26
C LEU B 83 -5.75 -13.53 -26.02
N LYS B 84 -5.42 -14.76 -25.61
CA LYS B 84 -6.09 -15.97 -26.07
C LYS B 84 -6.52 -16.75 -24.85
N LEU B 85 -7.78 -17.15 -24.85
CA LEU B 85 -8.38 -17.89 -23.74
C LEU B 85 -8.98 -19.15 -24.34
N THR B 86 -8.43 -20.30 -23.99
CA THR B 86 -8.80 -21.54 -24.65
C THR B 86 -10.00 -22.18 -23.96
N SER B 87 -10.69 -23.04 -24.71
CA SER B 87 -11.76 -23.91 -24.19
C SER B 87 -12.81 -23.10 -23.43
N VAL B 88 -13.34 -22.06 -24.07
CA VAL B 88 -14.25 -21.16 -23.38
C VAL B 88 -15.61 -21.81 -23.17
N THR B 89 -16.31 -21.36 -22.12
CA THR B 89 -17.68 -21.73 -21.84
C THR B 89 -18.49 -20.45 -21.61
N ALA B 90 -19.80 -20.64 -21.35
CA ALA B 90 -20.69 -19.50 -21.15
C ALA B 90 -20.24 -18.62 -20.00
N THR B 91 -19.54 -19.19 -19.01
CA THR B 91 -19.07 -18.38 -17.90
C THR B 91 -17.97 -17.40 -18.30
N ASP B 92 -17.42 -17.52 -19.50
CA ASP B 92 -16.44 -16.57 -20.02
C ASP B 92 -17.08 -15.40 -20.77
N THR B 93 -18.41 -15.38 -20.92
CA THR B 93 -19.10 -14.26 -21.53
C THR B 93 -18.92 -13.02 -20.67
N ALA B 94 -18.41 -11.94 -21.28
CA ALA B 94 -18.07 -10.76 -20.47
C ALA B 94 -17.60 -9.65 -21.40
N VAL B 95 -17.52 -8.44 -20.85
CA VAL B 95 -16.80 -7.36 -21.52
C VAL B 95 -15.33 -7.46 -21.14
N TYR B 96 -14.45 -7.54 -22.14
CA TYR B 96 -13.01 -7.67 -21.92
C TYR B 96 -12.31 -6.35 -22.21
N TYR B 97 -11.38 -5.97 -21.32
CA TYR B 97 -10.60 -4.75 -21.42
C TYR B 97 -9.11 -5.10 -21.40
N CYS B 98 -8.34 -4.42 -22.25
CA CYS B 98 -6.89 -4.34 -22.08
C CYS B 98 -6.57 -3.05 -21.34
N VAL B 99 -5.54 -3.08 -20.52
CA VAL B 99 -5.17 -1.92 -19.72
C VAL B 99 -3.65 -1.87 -19.60
N ARG B 100 -3.10 -0.66 -19.64
CA ARG B 100 -1.68 -0.44 -19.38
C ARG B 100 -1.57 0.64 -18.31
N GLU B 101 -0.88 0.32 -17.21
CA GLU B 101 -0.79 1.23 -16.07
C GLU B 101 0.67 1.39 -15.67
N ARG B 102 1.06 2.61 -15.32
CA ARG B 102 2.43 2.87 -14.86
C ARG B 102 2.77 2.01 -13.66
N VAL B 103 3.98 1.44 -13.67
CA VAL B 103 4.63 0.96 -12.45
C VAL B 103 5.16 2.21 -11.76
N VAL B 104 4.45 2.70 -10.74
CA VAL B 104 4.61 4.09 -10.32
C VAL B 104 5.97 4.36 -9.68
N ALA B 105 6.61 3.34 -9.09
CA ALA B 105 7.90 3.58 -8.45
C ALA B 105 8.96 4.04 -9.44
N HIS B 106 8.87 3.60 -10.70
CA HIS B 106 9.85 3.96 -11.71
C HIS B 106 9.26 4.76 -12.85
N ASN B 107 7.95 5.07 -12.80
CA ASN B 107 7.27 5.69 -13.94
C ASN B 107 6.14 6.54 -13.36
N TYR B 108 6.45 7.80 -13.08
CA TYR B 108 5.44 8.69 -12.53
C TYR B 108 4.70 9.48 -13.60
N TYR B 109 5.38 9.83 -14.69
CA TYR B 109 4.83 10.77 -15.66
C TYR B 109 4.20 10.10 -16.88
N GLY B 110 4.14 8.78 -16.93
CA GLY B 110 3.46 8.10 -18.01
C GLY B 110 1.95 8.27 -17.92
N LEU B 111 1.24 7.46 -18.71
CA LEU B 111 -0.21 7.46 -18.74
C LEU B 111 -0.75 6.09 -18.35
N ASP B 112 -1.91 6.09 -17.69
CA ASP B 112 -2.68 4.86 -17.51
C ASP B 112 -3.80 4.86 -18.54
N SER B 113 -3.90 3.78 -19.31
CA SER B 113 -4.86 3.71 -20.40
C SER B 113 -5.67 2.41 -20.31
N TRP B 114 -6.94 2.51 -20.71
CA TRP B 114 -7.82 1.37 -20.83
C TRP B 114 -8.33 1.30 -22.26
N GLY B 115 -8.46 0.07 -22.78
CA GLY B 115 -9.18 -0.11 -24.02
C GLY B 115 -10.66 0.21 -23.84
N GLN B 116 -11.36 0.29 -24.97
CA GLN B 116 -12.77 0.64 -24.93
C GLN B 116 -13.64 -0.51 -24.41
N GLY B 117 -13.14 -1.74 -24.41
CA GLY B 117 -13.94 -2.87 -23.98
C GLY B 117 -14.63 -3.55 -25.14
N VAL B 118 -14.61 -4.88 -25.17
CA VAL B 118 -15.29 -5.65 -26.21
C VAL B 118 -16.15 -6.69 -25.51
N LEU B 119 -17.44 -6.68 -25.79
CA LEU B 119 -18.29 -7.74 -25.26
C LEU B 119 -18.06 -8.99 -26.08
N VAL B 120 -17.73 -10.10 -25.40
CA VAL B 120 -17.60 -11.40 -26.04
C VAL B 120 -18.65 -12.30 -25.43
N THR B 121 -19.51 -12.86 -26.28
CA THR B 121 -20.54 -13.80 -25.89
C THR B 121 -20.12 -15.19 -26.35
N VAL B 122 -20.09 -16.14 -25.43
CA VAL B 122 -19.75 -17.52 -25.74
C VAL B 122 -21.07 -18.27 -25.88
N SER B 123 -21.39 -18.68 -27.10
CA SER B 123 -22.69 -19.26 -27.39
C SER B 123 -22.60 -20.07 -28.67
N SER B 124 -23.40 -21.12 -28.77
CA SER B 124 -23.51 -21.91 -29.98
C SER B 124 -24.60 -21.42 -30.92
N ALA B 125 -25.38 -20.40 -30.51
CA ALA B 125 -26.43 -19.88 -31.37
C ALA B 125 -25.83 -19.06 -32.51
N SER B 126 -26.60 -18.93 -33.58
CA SER B 126 -26.14 -18.21 -34.76
C SER B 126 -26.29 -16.72 -34.57
N THR B 127 -25.35 -15.96 -35.15
CA THR B 127 -25.52 -14.51 -35.24
C THR B 127 -26.76 -14.20 -36.07
N LYS B 128 -27.46 -13.14 -35.70
CA LYS B 128 -28.60 -12.66 -36.47
C LYS B 128 -28.60 -11.14 -36.42
N GLY B 129 -28.70 -10.51 -37.59
CA GLY B 129 -28.76 -9.07 -37.67
C GLY B 129 -30.12 -8.54 -37.27
N PRO B 130 -30.19 -7.25 -36.92
CA PRO B 130 -31.43 -6.68 -36.42
C PRO B 130 -32.38 -6.22 -37.52
N SER B 131 -33.67 -6.23 -37.19
CA SER B 131 -34.67 -5.47 -37.92
C SER B 131 -34.84 -4.13 -37.22
N VAL B 132 -35.10 -3.09 -38.01
CA VAL B 132 -35.20 -1.74 -37.47
C VAL B 132 -36.48 -1.09 -37.98
N PHE B 133 -37.28 -0.56 -37.06
CA PHE B 133 -38.54 0.06 -37.39
C PHE B 133 -38.61 1.47 -36.82
N PRO B 134 -39.09 2.44 -37.59
CA PRO B 134 -39.15 3.81 -37.08
C PRO B 134 -40.24 3.98 -36.04
N LEU B 135 -39.99 4.89 -35.10
CA LEU B 135 -40.94 5.28 -34.07
C LEU B 135 -41.25 6.73 -34.37
N ALA B 136 -42.40 6.97 -34.98
CA ALA B 136 -42.75 8.30 -35.44
C ALA B 136 -43.86 8.90 -34.59
N PRO B 137 -43.87 10.23 -34.46
CA PRO B 137 -45.03 10.89 -33.85
C PRO B 137 -46.29 10.62 -34.67
N SER B 138 -47.39 10.40 -33.96
CA SER B 138 -48.67 10.12 -34.60
C SER B 138 -49.25 11.38 -35.26
N SER B 139 -45.42 18.17 -24.68
CA SER B 139 -45.86 17.00 -25.42
C SER B 139 -46.11 17.32 -26.89
N GLU B 140 -46.16 18.61 -27.23
CA GLU B 140 -46.21 19.02 -28.63
C GLU B 140 -45.38 20.25 -28.98
N SER B 141 -44.81 20.96 -28.01
CA SER B 141 -43.75 21.93 -28.31
C SER B 141 -42.48 21.23 -28.77
N THR B 142 -42.14 20.11 -28.14
CA THR B 142 -41.02 19.28 -28.52
C THR B 142 -41.56 17.91 -28.89
N ALA B 143 -40.89 17.24 -29.84
CA ALA B 143 -41.35 15.94 -30.29
C ALA B 143 -40.32 14.88 -29.94
N ALA B 144 -40.80 13.65 -29.77
CA ALA B 144 -39.94 12.50 -29.59
C ALA B 144 -40.05 11.60 -30.82
N LEU B 145 -38.91 11.15 -31.32
CA LEU B 145 -38.90 10.15 -32.38
C LEU B 145 -37.88 9.07 -31.99
N GLY B 146 -37.86 7.98 -32.73
CA GLY B 146 -36.93 6.94 -32.36
C GLY B 146 -36.86 5.80 -33.36
N CYS B 147 -36.17 4.75 -32.94
CA CYS B 147 -36.05 3.53 -33.72
C CYS B 147 -36.09 2.33 -32.79
N LEU B 148 -36.86 1.32 -33.18
CA LEU B 148 -36.93 0.04 -32.51
C LEU B 148 -36.00 -0.91 -33.24
N VAL B 149 -35.04 -1.48 -32.51
CA VAL B 149 -34.01 -2.39 -33.03
C VAL B 149 -34.27 -3.75 -32.42
N LYS B 150 -34.63 -4.73 -33.23
CA LYS B 150 -35.22 -5.93 -32.68
C LYS B 150 -34.66 -7.18 -33.36
N ASP B 151 -34.76 -8.31 -32.67
CA ASP B 151 -34.49 -9.64 -33.26
C ASP B 151 -33.02 -9.86 -33.63
N TYR B 152 -32.09 -9.40 -32.79
CA TYR B 152 -30.67 -9.60 -33.08
C TYR B 152 -29.99 -10.44 -32.00
N PHE B 153 -28.82 -10.98 -32.37
CA PHE B 153 -28.01 -11.81 -31.48
C PHE B 153 -26.61 -11.92 -32.05
N PRO B 154 -25.56 -11.80 -31.24
CA PRO B 154 -25.62 -11.45 -29.82
C PRO B 154 -25.64 -9.95 -29.63
N GLU B 155 -25.52 -9.48 -28.39
CA GLU B 155 -25.23 -8.08 -28.13
C GLU B 155 -23.80 -7.76 -28.56
N PRO B 156 -23.49 -6.48 -28.82
CA PRO B 156 -24.36 -5.31 -28.76
C PRO B 156 -24.71 -4.76 -30.15
N VAL B 157 -25.65 -3.82 -30.18
CA VAL B 157 -25.78 -2.93 -31.33
C VAL B 157 -25.33 -1.55 -30.88
N THR B 158 -24.85 -0.76 -31.84
CA THR B 158 -24.57 0.64 -31.61
C THR B 158 -25.57 1.44 -32.43
N VAL B 159 -26.14 2.49 -31.82
CA VAL B 159 -27.10 3.34 -32.49
C VAL B 159 -26.58 4.78 -32.45
N SER B 160 -26.54 5.41 -33.61
CA SER B 160 -26.27 6.83 -33.71
C SER B 160 -27.41 7.50 -34.46
N TRP B 161 -27.42 8.82 -34.46
CA TRP B 161 -28.45 9.58 -35.14
C TRP B 161 -27.78 10.55 -36.10
N ASN B 162 -28.32 10.62 -37.32
CA ASN B 162 -27.78 11.46 -38.39
C ASN B 162 -26.27 11.30 -38.50
N SER B 163 -25.84 10.04 -38.63
CA SER B 163 -24.42 9.67 -38.77
C SER B 163 -23.57 10.27 -37.64
N GLY B 164 -24.15 10.39 -36.44
CA GLY B 164 -23.44 10.92 -35.31
C GLY B 164 -23.52 12.42 -35.15
N SER B 165 -24.26 13.10 -36.04
CA SER B 165 -24.44 14.54 -35.90
C SER B 165 -25.34 14.90 -34.73
N LEU B 166 -26.29 14.03 -34.41
CA LEU B 166 -27.29 14.27 -33.39
C LEU B 166 -26.95 13.46 -32.14
N THR B 167 -26.58 14.14 -31.06
CA THR B 167 -26.22 13.43 -29.83
C THR B 167 -27.00 13.89 -28.61
N SER B 168 -27.33 15.18 -28.53
CA SER B 168 -28.03 15.69 -27.36
C SER B 168 -29.49 15.24 -27.38
N GLY B 169 -29.98 14.82 -26.21
CA GLY B 169 -31.33 14.31 -26.11
C GLY B 169 -31.49 12.87 -26.52
N VAL B 170 -30.41 12.17 -26.86
CA VAL B 170 -30.51 10.77 -27.26
C VAL B 170 -30.52 9.89 -26.02
N HIS B 171 -31.44 8.93 -26.00
CA HIS B 171 -31.48 7.87 -25.01
C HIS B 171 -31.57 6.54 -25.74
N THR B 172 -30.54 5.71 -25.63
CA THR B 172 -30.60 4.36 -26.17
C THR B 172 -30.73 3.40 -24.99
N PHE B 173 -31.79 2.63 -24.98
CA PHE B 173 -32.15 1.83 -23.82
C PHE B 173 -31.34 0.54 -23.77
N PRO B 174 -31.10 0.01 -22.58
CA PRO B 174 -30.51 -1.33 -22.47
C PRO B 174 -31.37 -2.35 -23.19
N ALA B 175 -30.71 -3.31 -23.84
CA ALA B 175 -31.41 -4.35 -24.56
C ALA B 175 -32.08 -5.30 -23.59
N VAL B 176 -33.22 -5.86 -24.02
CA VAL B 176 -33.97 -6.85 -23.26
C VAL B 176 -33.94 -8.16 -24.05
N LEU B 177 -33.68 -9.27 -23.35
CA LEU B 177 -33.68 -10.57 -23.98
C LEU B 177 -35.11 -11.06 -24.12
N GLN B 178 -35.52 -11.36 -25.35
CA GLN B 178 -36.88 -11.83 -25.57
C GLN B 178 -36.97 -13.33 -25.32
N SER B 179 -38.20 -13.81 -25.16
CA SER B 179 -38.41 -15.25 -25.00
C SER B 179 -37.90 -16.04 -26.19
N SER B 180 -37.84 -15.41 -27.36
CA SER B 180 -37.27 -16.04 -28.56
C SER B 180 -35.76 -16.22 -28.48
N GLY B 181 -35.10 -15.72 -27.45
CA GLY B 181 -33.65 -15.74 -27.38
C GLY B 181 -32.93 -14.65 -28.14
N LEU B 182 -33.66 -13.67 -28.69
CA LEU B 182 -33.07 -12.56 -29.40
C LEU B 182 -33.28 -11.27 -28.61
N TYR B 183 -32.43 -10.27 -28.89
CA TYR B 183 -32.46 -9.02 -28.15
C TYR B 183 -33.30 -7.96 -28.85
N SER B 184 -33.76 -6.99 -28.07
CA SER B 184 -34.57 -5.89 -28.59
C SER B 184 -34.33 -4.66 -27.73
N LEU B 185 -34.22 -3.50 -28.38
CA LEU B 185 -34.10 -2.23 -27.68
C LEU B 185 -34.73 -1.14 -28.53
N SER B 186 -34.93 0.03 -27.92
CA SER B 186 -35.29 1.24 -28.64
C SER B 186 -34.25 2.33 -28.36
N SER B 187 -34.08 3.21 -29.34
CA SER B 187 -33.32 4.44 -29.19
C SER B 187 -34.25 5.59 -29.51
N VAL B 188 -34.24 6.62 -28.68
CA VAL B 188 -35.14 7.75 -28.86
C VAL B 188 -34.35 9.05 -28.78
N VAL B 189 -34.95 10.10 -29.32
CA VAL B 189 -34.35 11.43 -29.30
C VAL B 189 -35.49 12.45 -29.34
N THR B 190 -35.37 13.47 -28.51
CA THR B 190 -36.32 14.57 -28.49
C THR B 190 -35.72 15.74 -29.27
N VAL B 191 -36.55 16.35 -30.11
CA VAL B 191 -36.10 17.40 -31.01
C VAL B 191 -37.10 18.56 -30.95
N PRO B 192 -36.66 19.75 -31.33
CA PRO B 192 -37.60 20.86 -31.51
C PRO B 192 -38.62 20.50 -32.57
N SER B 193 -39.88 20.70 -32.19
CA SER B 193 -40.99 20.21 -32.98
C SER B 193 -41.03 20.92 -34.34
N SER B 194 -40.72 22.24 -34.36
CA SER B 194 -40.66 23.02 -35.59
C SER B 194 -39.68 22.43 -36.62
N SER B 195 -38.65 21.74 -36.16
CA SER B 195 -37.65 21.19 -37.06
C SER B 195 -38.13 19.96 -37.81
N LEU B 196 -39.30 19.42 -37.44
CA LEU B 196 -39.73 18.15 -38.03
C LEU B 196 -39.89 18.28 -39.55
N GLY B 197 -40.41 19.41 -40.02
CA GLY B 197 -40.57 19.63 -41.44
C GLY B 197 -39.28 19.97 -42.17
N THR B 198 -38.31 20.56 -41.46
CA THR B 198 -37.07 21.00 -42.08
C THR B 198 -35.97 19.94 -42.04
N GLN B 199 -35.80 19.26 -40.90
CA GLN B 199 -34.64 18.40 -40.66
C GLN B 199 -34.97 16.93 -40.87
N THR B 200 -34.09 16.24 -41.58
CA THR B 200 -34.20 14.80 -41.76
C THR B 200 -33.63 14.07 -40.55
N TYR B 201 -34.31 13.02 -40.11
CA TYR B 201 -33.89 12.24 -38.95
C TYR B 201 -33.72 10.77 -39.35
N VAL B 202 -32.50 10.26 -39.19
CA VAL B 202 -32.14 8.91 -39.58
C VAL B 202 -31.37 8.25 -38.43
N CYS B 203 -31.81 7.05 -38.04
CA CYS B 203 -31.08 6.26 -37.06
C CYS B 203 -30.18 5.27 -37.78
N ASN B 204 -28.92 5.22 -37.34
CA ASN B 204 -27.90 4.35 -37.90
C ASN B 204 -27.58 3.27 -36.88
N VAL B 205 -27.83 2.01 -37.25
CA VAL B 205 -27.63 0.86 -36.39
C VAL B 205 -26.48 0.04 -36.95
N ASN B 206 -25.54 -0.30 -36.09
CA ASN B 206 -24.42 -1.17 -36.44
C ASN B 206 -24.43 -2.37 -35.51
N HIS B 207 -24.54 -3.56 -36.09
CA HIS B 207 -24.43 -4.81 -35.36
C HIS B 207 -23.11 -5.44 -35.83
N LYS B 208 -22.03 -5.07 -35.14
CA LYS B 208 -20.71 -5.54 -35.52
C LYS B 208 -20.54 -7.06 -35.43
N PRO B 209 -21.13 -7.76 -34.45
CA PRO B 209 -20.97 -9.23 -34.43
C PRO B 209 -21.40 -9.89 -35.72
N SER B 210 -22.38 -9.34 -36.43
CA SER B 210 -22.77 -9.86 -37.74
C SER B 210 -22.30 -8.99 -38.89
N ASN B 211 -21.54 -7.92 -38.60
CA ASN B 211 -21.14 -6.94 -39.61
C ASN B 211 -22.33 -6.50 -40.47
N THR B 212 -23.43 -6.14 -39.80
CA THR B 212 -24.58 -5.61 -40.52
C THR B 212 -24.86 -4.19 -40.07
N LYS B 213 -25.33 -3.37 -41.00
CA LYS B 213 -25.76 -2.03 -40.69
C LYS B 213 -27.16 -1.82 -41.24
N VAL B 214 -27.92 -0.97 -40.56
CA VAL B 214 -29.25 -0.56 -41.01
C VAL B 214 -29.35 0.94 -40.81
N ASP B 215 -29.83 1.65 -41.82
CA ASP B 215 -30.15 3.07 -41.69
C ASP B 215 -31.64 3.24 -41.95
N LYS B 216 -32.33 3.92 -41.04
CA LYS B 216 -33.77 4.09 -41.17
C LYS B 216 -34.15 5.54 -40.95
N ARG B 217 -34.80 6.12 -41.95
CA ARG B 217 -35.44 7.42 -41.79
C ARG B 217 -36.63 7.34 -40.86
N VAL B 218 -36.71 8.28 -39.93
CA VAL B 218 -37.90 8.42 -39.08
C VAL B 218 -38.67 9.62 -39.62
N GLU B 219 -39.75 9.34 -40.34
CA GLU B 219 -40.54 10.35 -41.02
C GLU B 219 -41.89 10.48 -40.35
N ILE B 220 -42.48 11.66 -40.46
CA ILE B 220 -43.81 11.92 -39.93
C ILE B 220 -44.87 11.41 -40.89
N GLN C 1 16.73 -22.68 32.48
CA GLN C 1 16.86 -21.37 33.10
C GLN C 1 18.32 -21.05 33.42
N VAL C 2 19.21 -21.37 32.50
CA VAL C 2 20.63 -21.04 32.63
C VAL C 2 20.83 -19.64 32.06
N GLN C 3 21.40 -18.75 32.87
CA GLN C 3 21.61 -17.38 32.40
C GLN C 3 22.78 -16.73 33.11
N LEU C 4 23.41 -15.78 32.41
CA LEU C 4 24.48 -14.96 32.95
C LEU C 4 23.94 -13.56 33.22
N GLN C 5 24.11 -13.06 34.44
CA GLN C 5 23.63 -11.75 34.82
C GLN C 5 24.82 -10.89 35.22
N GLU C 6 25.04 -9.81 34.49
CA GLU C 6 26.17 -8.92 34.69
C GLU C 6 25.81 -7.78 35.63
N SER C 7 26.81 -7.35 36.40
CA SER C 7 26.64 -6.22 37.30
C SER C 7 27.98 -5.52 37.51
N GLY C 8 27.92 -4.27 37.90
CA GLY C 8 29.10 -3.48 38.16
C GLY C 8 28.86 -2.02 37.86
N PRO C 9 29.76 -1.16 38.35
CA PRO C 9 29.57 0.28 38.17
C PRO C 9 29.61 0.69 36.70
N GLY C 10 28.67 1.56 36.33
CA GLY C 10 28.61 2.12 34.99
C GLY C 10 29.52 3.31 34.73
N LEU C 11 30.13 3.85 35.78
CA LEU C 11 30.99 5.01 35.66
C LEU C 11 32.27 4.79 36.44
N VAL C 12 33.40 4.99 35.78
CA VAL C 12 34.71 4.77 36.39
C VAL C 12 35.59 5.97 36.07
N ARG C 13 36.33 6.47 37.09
CA ARG C 13 37.24 7.59 36.88
C ARG C 13 38.50 7.14 36.15
N PRO C 14 39.06 7.99 35.29
CA PRO C 14 40.33 7.64 34.62
C PRO C 14 41.40 7.31 35.65
N SER C 15 42.23 6.32 35.31
CA SER C 15 43.31 5.74 36.10
C SER C 15 42.80 4.82 37.20
N GLU C 16 41.49 4.69 37.40
CA GLU C 16 40.98 3.78 38.42
C GLU C 16 40.72 2.41 37.80
N THR C 17 40.15 1.51 38.58
CA THR C 17 39.95 0.12 38.17
C THR C 17 38.48 -0.12 37.81
N LEU C 18 38.25 -0.63 36.61
CA LEU C 18 36.93 -1.10 36.20
C LEU C 18 36.71 -2.50 36.74
N SER C 19 35.57 -2.71 37.39
CA SER C 19 35.25 -4.01 37.97
C SER C 19 33.86 -4.44 37.53
N LEU C 20 33.74 -5.66 37.01
CA LEU C 20 32.45 -6.22 36.62
C LEU C 20 32.36 -7.66 37.10
N THR C 21 31.13 -8.09 37.39
CA THR C 21 30.86 -9.44 37.88
C THR C 21 29.76 -10.06 37.03
N CYS C 22 29.91 -11.34 36.72
CA CYS C 22 28.94 -12.12 35.97
C CYS C 22 28.51 -13.27 36.87
N THR C 23 27.22 -13.31 37.19
CA THR C 23 26.65 -14.33 38.06
C THR C 23 25.91 -15.34 37.21
N LEU C 24 26.27 -16.61 37.35
CA LEU C 24 25.66 -17.67 36.57
C LEU C 24 24.56 -18.32 37.40
N SER C 25 23.41 -18.53 36.78
CA SER C 25 22.33 -19.28 37.42
C SER C 25 21.92 -20.42 36.52
N GLY C 26 21.61 -21.57 37.14
CA GLY C 26 21.18 -22.76 36.43
C GLY C 26 22.28 -23.74 36.10
N ASP C 27 23.52 -23.45 36.47
CA ASP C 27 24.65 -24.34 36.27
C ASP C 27 25.79 -23.83 37.14
N SER C 28 26.78 -24.69 37.38
CA SER C 28 27.93 -24.30 38.17
C SER C 28 28.99 -23.71 37.26
N VAL C 29 29.68 -22.67 37.76
CA VAL C 29 30.76 -22.07 36.98
C VAL C 29 31.93 -23.04 36.81
N SER C 30 31.98 -24.10 37.61
CA SER C 30 33.05 -25.08 37.50
C SER C 30 32.76 -26.21 36.53
N SER C 31 31.61 -26.19 35.84
CA SER C 31 31.33 -27.22 34.84
C SER C 31 32.42 -27.24 33.77
N ARG C 32 32.92 -28.43 33.47
CA ARG C 32 34.08 -28.59 32.60
C ARG C 32 33.74 -28.31 31.13
N TYR C 33 34.80 -28.05 30.36
CA TYR C 33 34.70 -27.94 28.90
C TYR C 33 33.83 -26.76 28.49
N TYR C 34 34.02 -25.64 29.17
CA TYR C 34 33.46 -24.36 28.77
C TYR C 34 34.61 -23.38 28.59
N PHE C 35 34.50 -22.53 27.58
CA PHE C 35 35.44 -21.45 27.32
C PHE C 35 34.71 -20.15 27.67
N TRP C 36 35.18 -19.49 28.73
CA TRP C 36 34.65 -18.22 29.17
C TRP C 36 35.46 -17.08 28.56
N SER C 37 34.77 -15.98 28.25
CA SER C 37 35.41 -14.79 27.71
C SER C 37 34.79 -13.53 28.31
N TRP C 38 35.58 -12.46 28.29
CA TRP C 38 35.08 -11.10 28.40
C TRP C 38 35.31 -10.41 27.07
N VAL C 39 34.26 -9.80 26.53
CA VAL C 39 34.29 -9.15 25.23
C VAL C 39 33.73 -7.75 25.40
N ARG C 40 34.26 -6.76 24.68
CA ARG C 40 33.70 -5.42 24.79
C ARG C 40 33.44 -4.82 23.41
N GLN C 41 32.52 -3.85 23.41
CA GLN C 41 32.05 -3.20 22.19
C GLN C 41 31.96 -1.70 22.49
N PRO C 42 32.97 -0.93 22.11
CA PRO C 42 32.91 0.52 22.33
C PRO C 42 32.02 1.21 21.31
N ARG C 43 31.99 2.54 21.33
CA ARG C 43 31.00 3.28 20.56
C ARG C 43 31.04 2.93 19.08
N GLY C 44 30.01 2.20 18.64
CA GLY C 44 29.71 1.95 17.25
C GLY C 44 30.68 1.13 16.45
N LYS C 45 31.47 0.26 17.08
CA LYS C 45 32.41 -0.57 16.35
C LYS C 45 32.12 -2.05 16.61
N GLY C 46 32.99 -2.90 16.11
CA GLY C 46 33.00 -4.32 16.39
C GLY C 46 33.26 -4.74 17.82
N LEU C 47 33.60 -6.01 17.97
CA LEU C 47 33.84 -6.65 19.24
C LEU C 47 35.33 -6.85 19.45
N GLU C 48 35.80 -6.60 20.67
CA GLU C 48 37.18 -6.83 21.06
C GLU C 48 37.22 -7.84 22.19
N TRP C 49 38.00 -8.89 22.00
CA TRP C 49 38.18 -9.93 23.02
C TRP C 49 39.17 -9.44 24.07
N ILE C 50 38.75 -9.44 25.33
CA ILE C 50 39.59 -8.98 26.43
C ILE C 50 40.46 -10.10 26.99
N GLY C 51 39.87 -11.27 27.16
CA GLY C 51 40.57 -12.40 27.75
C GLY C 51 39.57 -13.51 28.03
N GLY C 52 40.09 -14.64 28.49
CA GLY C 52 39.22 -15.77 28.75
C GLY C 52 39.97 -16.92 29.37
N PHE C 53 39.22 -17.99 29.64
CA PHE C 53 39.81 -19.16 30.27
C PHE C 53 38.96 -20.38 29.99
N TYR C 54 39.57 -21.55 30.14
CA TYR C 54 38.84 -22.81 30.08
C TYR C 54 38.45 -23.22 31.49
N SER C 55 37.20 -23.65 31.66
CA SER C 55 36.69 -23.89 33.00
C SER C 55 37.49 -24.97 33.73
N ASN C 56 38.09 -25.91 33.01
CA ASN C 56 38.84 -26.99 33.65
C ASN C 56 40.36 -26.79 33.57
N VAL C 57 40.84 -25.57 33.37
CA VAL C 57 42.27 -25.29 33.26
C VAL C 57 42.60 -24.06 34.08
N GLU C 58 43.62 -24.18 34.94
CA GLU C 58 44.02 -23.07 35.80
C GLU C 58 44.57 -21.91 34.98
N GLY C 59 44.25 -20.69 35.42
CA GLY C 59 44.75 -19.48 34.80
C GLY C 59 43.83 -18.94 33.71
N TYR C 60 44.27 -17.84 33.10
CA TYR C 60 43.50 -17.19 32.05
C TYR C 60 44.43 -16.53 31.06
N ASN C 61 43.96 -16.40 29.82
CA ASN C 61 44.65 -15.70 28.74
C ASN C 61 44.11 -14.29 28.63
N TYR C 62 44.96 -13.36 28.18
CA TYR C 62 44.52 -11.98 28.02
C TYR C 62 45.03 -11.44 26.68
N ASN C 63 44.32 -10.45 26.18
CA ASN C 63 44.71 -9.80 24.94
C ASN C 63 45.95 -8.96 25.19
N PRO C 64 47.07 -9.20 24.51
CA PRO C 64 48.29 -8.43 24.79
C PRO C 64 48.14 -6.95 24.52
N SER C 65 47.13 -6.53 23.76
CA SER C 65 46.84 -5.11 23.58
C SER C 65 46.53 -4.39 24.88
N LEU C 66 46.09 -5.12 25.91
CA LEU C 66 45.73 -4.54 27.21
C LEU C 66 46.81 -4.71 28.26
N LYS C 67 48.08 -4.56 27.90
CA LYS C 67 49.14 -5.50 28.27
C LYS C 67 49.02 -6.17 29.65
N SER C 68 49.19 -5.47 30.76
CA SER C 68 49.16 -6.14 32.06
C SER C 68 47.94 -5.77 32.88
N ARG C 69 46.94 -5.15 32.27
CA ARG C 69 45.84 -4.55 33.00
C ARG C 69 44.68 -5.50 33.28
N VAL C 70 44.71 -6.74 32.78
CA VAL C 70 43.55 -7.63 32.82
C VAL C 70 43.69 -8.62 33.98
N THR C 71 42.63 -8.75 34.78
CA THR C 71 42.49 -9.82 35.77
C THR C 71 41.12 -10.44 35.57
N ILE C 72 41.08 -11.76 35.36
CA ILE C 72 39.82 -12.49 35.29
C ILE C 72 39.84 -13.52 36.41
N SER C 73 38.79 -13.53 37.23
CA SER C 73 38.76 -14.44 38.38
C SER C 73 37.46 -15.23 38.40
N ARG C 74 37.49 -16.33 39.16
CA ARG C 74 36.33 -17.19 39.34
C ARG C 74 36.12 -17.38 40.84
N ASP C 75 34.86 -17.29 41.28
CA ASP C 75 34.45 -17.45 42.67
C ASP C 75 33.40 -18.56 42.69
N ALA C 76 33.83 -19.77 43.05
CA ALA C 76 32.94 -20.92 43.01
C ALA C 76 31.87 -20.86 44.09
N SER C 77 32.21 -20.31 45.27
CA SER C 77 31.24 -20.25 46.35
C SER C 77 30.07 -19.34 46.01
N LYS C 78 30.29 -18.32 45.18
CA LYS C 78 29.24 -17.43 44.74
C LYS C 78 28.78 -17.70 43.31
N ASN C 79 29.40 -18.64 42.61
CA ASN C 79 29.07 -18.94 41.22
C ASN C 79 29.22 -17.71 40.34
N GLN C 80 30.33 -16.99 40.51
CA GLN C 80 30.55 -15.76 39.78
C GLN C 80 31.89 -15.80 39.05
N VAL C 81 31.99 -15.09 37.94
CA VAL C 81 33.28 -14.79 37.32
C VAL C 81 33.39 -13.28 37.16
N SER C 82 34.59 -12.76 37.34
CA SER C 82 34.77 -11.32 37.46
C SER C 82 35.86 -10.85 36.51
N LEU C 83 35.75 -9.59 36.11
CA LEU C 83 36.76 -8.89 35.32
C LEU C 83 37.21 -7.65 36.07
N LYS C 84 38.52 -7.45 36.15
CA LYS C 84 39.09 -6.20 36.63
C LYS C 84 40.05 -5.68 35.59
N LEU C 85 39.92 -4.40 35.25
CA LEU C 85 40.76 -3.74 34.25
C LEU C 85 41.35 -2.49 34.91
N THR C 86 42.66 -2.46 35.12
CA THR C 86 43.27 -1.38 35.88
C THR C 86 43.65 -0.21 34.97
N SER C 87 43.82 0.96 35.59
CA SER C 87 44.36 2.15 34.93
C SER C 87 43.56 2.52 33.68
N VAL C 88 42.24 2.65 33.83
CA VAL C 88 41.40 2.85 32.66
C VAL C 88 41.58 4.27 32.12
N THR C 89 41.38 4.40 30.81
CA THR C 89 41.31 5.68 30.10
C THR C 89 40.04 5.71 29.27
N ALA C 90 39.83 6.81 28.55
CA ALA C 90 38.61 6.98 27.76
C ALA C 90 38.44 5.89 26.70
N THR C 91 39.55 5.32 26.21
CA THR C 91 39.43 4.28 25.20
C THR C 91 38.83 2.98 25.74
N ASP C 92 38.71 2.84 27.06
CA ASP C 92 38.07 1.69 27.67
C ASP C 92 36.55 1.85 27.81
N THR C 93 35.99 3.00 27.44
CA THR C 93 34.54 3.16 27.47
C THR C 93 33.91 2.22 26.46
N ALA C 94 32.99 1.37 26.92
CA ALA C 94 32.48 0.31 26.06
C ALA C 94 31.35 -0.41 26.78
N VAL C 95 30.58 -1.19 26.01
CA VAL C 95 29.68 -2.16 26.60
C VAL C 95 30.44 -3.47 26.78
N TYR C 96 30.47 -4.00 27.99
CA TYR C 96 31.21 -5.19 28.33
C TYR C 96 30.26 -6.37 28.49
N TYR C 97 30.65 -7.53 27.93
CA TYR C 97 29.89 -8.77 27.98
C TYR C 97 30.74 -9.85 28.61
N CYS C 98 30.11 -10.68 29.46
CA CYS C 98 30.65 -11.99 29.84
C CYS C 98 30.02 -13.04 28.93
N VAL C 99 30.79 -14.09 28.60
CA VAL C 99 30.36 -15.12 27.67
C VAL C 99 30.85 -16.48 28.18
N ARG C 100 30.01 -17.51 28.06
CA ARG C 100 30.44 -18.89 28.29
C ARG C 100 29.98 -19.74 27.11
N GLU C 101 30.92 -20.41 26.45
CA GLU C 101 30.61 -21.17 25.25
C GLU C 101 31.17 -22.59 25.37
N ARG C 102 30.41 -23.58 24.92
CA ARG C 102 30.88 -24.96 24.95
C ARG C 102 32.19 -25.10 24.20
N VAL C 103 33.12 -25.85 24.79
CA VAL C 103 34.24 -26.41 24.04
C VAL C 103 33.66 -27.60 23.27
N VAL C 104 33.40 -27.40 21.98
CA VAL C 104 32.43 -28.25 21.29
C VAL C 104 32.93 -29.69 21.15
N ALA C 105 34.25 -29.90 21.09
CA ALA C 105 34.77 -31.26 20.94
C ALA C 105 34.43 -32.14 22.14
N HIS C 106 34.31 -31.55 23.33
CA HIS C 106 34.04 -32.29 24.56
C HIS C 106 32.69 -31.97 25.17
N ASN C 107 31.91 -31.09 24.57
CA ASN C 107 30.69 -30.60 25.22
C ASN C 107 29.72 -30.23 24.11
N TYR C 108 28.91 -31.21 23.70
CA TYR C 108 27.97 -30.97 22.61
C TYR C 108 26.62 -30.49 23.11
N TYR C 109 26.18 -30.97 24.27
CA TYR C 109 24.83 -30.75 24.74
C TYR C 109 24.72 -29.61 25.76
N GLY C 110 25.81 -28.91 26.06
CA GLY C 110 25.75 -27.77 26.93
C GLY C 110 25.06 -26.58 26.25
N LEU C 111 25.18 -25.42 26.87
CA LEU C 111 24.59 -24.19 26.36
C LEU C 111 25.65 -23.12 26.14
N ASP C 112 25.45 -22.28 25.13
CA ASP C 112 26.26 -21.08 24.95
C ASP C 112 25.49 -19.89 25.51
N SER C 113 26.11 -19.14 26.42
CA SER C 113 25.42 -18.07 27.13
C SER C 113 26.19 -16.76 27.06
N TRP C 114 25.46 -15.64 26.94
CA TRP C 114 26.02 -14.30 26.99
C TRP C 114 25.35 -13.52 28.11
N GLY C 115 26.12 -12.69 28.80
CA GLY C 115 25.53 -11.72 29.70
C GLY C 115 24.77 -10.66 28.92
N GLN C 116 23.97 -9.87 29.63
CA GLN C 116 23.14 -8.87 28.96
C GLN C 116 23.96 -7.67 28.47
N GLY C 117 25.17 -7.49 28.98
CA GLY C 117 25.99 -6.35 28.63
C GLY C 117 25.84 -5.21 29.62
N VAL C 118 26.96 -4.59 30.00
CA VAL C 118 26.95 -3.44 30.90
C VAL C 118 27.79 -2.34 30.26
N LEU C 119 27.20 -1.17 30.08
CA LEU C 119 27.96 -0.03 29.59
C LEU C 119 28.81 0.53 30.71
N VAL C 120 30.11 0.71 30.44
CA VAL C 120 31.01 1.37 31.38
C VAL C 120 31.57 2.59 30.68
N THR C 121 31.36 3.76 31.29
CA THR C 121 31.87 5.03 30.80
C THR C 121 33.02 5.46 31.69
N VAL C 122 34.17 5.75 31.08
CA VAL C 122 35.35 6.21 31.81
C VAL C 122 35.36 7.73 31.71
N SER C 123 35.16 8.42 32.83
CA SER C 123 35.01 9.86 32.79
C SER C 123 35.21 10.46 34.19
N SER C 124 35.67 11.70 34.22
CA SER C 124 35.75 12.45 35.47
C SER C 124 34.48 13.25 35.77
N ALA C 125 33.52 13.28 34.86
CA ALA C 125 32.32 14.08 35.06
C ALA C 125 31.39 13.44 36.09
N SER C 126 30.56 14.28 36.70
CA SER C 126 29.64 13.85 37.76
C SER C 126 28.37 13.24 37.19
N THR C 127 27.82 12.28 37.93
CA THR C 127 26.48 11.77 37.60
C THR C 127 25.46 12.89 37.75
N LYS C 128 24.51 12.95 36.82
CA LYS C 128 23.47 13.97 36.89
C LYS C 128 22.17 13.41 36.34
N GLY C 129 21.07 13.61 37.06
CA GLY C 129 19.78 13.17 36.61
C GLY C 129 19.24 14.03 35.48
N PRO C 130 18.29 13.51 34.72
CA PRO C 130 17.79 14.21 33.54
C PRO C 130 16.71 15.24 33.84
N SER C 131 16.66 16.24 32.98
CA SER C 131 15.50 17.11 32.81
C SER C 131 14.67 16.59 31.65
N VAL C 132 13.35 16.77 31.74
CA VAL C 132 12.43 16.27 30.72
C VAL C 132 11.45 17.39 30.34
N PHE C 133 11.33 17.65 29.04
CA PHE C 133 10.49 18.71 28.52
C PHE C 133 9.49 18.16 27.51
N PRO C 134 8.23 18.57 27.57
CA PRO C 134 7.25 18.03 26.64
C PRO C 134 7.44 18.56 25.23
N LEU C 135 7.10 17.72 24.26
CA LEU C 135 7.14 18.04 22.83
C LEU C 135 5.70 17.93 22.33
N ALA C 136 5.05 19.08 22.14
CA ALA C 136 3.64 19.10 21.73
C ALA C 136 3.53 19.60 20.29
N SER C 139 -1.94 15.43 8.57
CA SER C 139 -1.62 16.52 9.48
C SER C 139 -2.66 16.68 10.61
N GLU C 140 -3.82 16.03 10.48
CA GLU C 140 -4.71 15.90 11.64
C GLU C 140 -5.43 14.56 11.74
N SER C 141 -5.27 13.61 10.82
CA SER C 141 -5.67 12.25 11.16
C SER C 141 -4.84 11.72 12.32
N THR C 142 -3.52 11.93 12.27
CA THR C 142 -2.64 11.56 13.37
C THR C 142 -1.82 12.75 13.84
N ALA C 143 -1.51 12.76 15.13
CA ALA C 143 -0.67 13.77 15.75
C ALA C 143 0.57 13.10 16.34
N ALA C 144 1.66 13.86 16.43
CA ALA C 144 2.87 13.39 17.07
C ALA C 144 3.10 14.14 18.38
N LEU C 145 3.46 13.40 19.43
CA LEU C 145 3.83 13.97 20.71
C LEU C 145 5.15 13.36 21.15
N GLY C 146 5.77 13.94 22.16
CA GLY C 146 7.01 13.36 22.65
C GLY C 146 7.53 14.08 23.88
N CYS C 147 8.73 13.67 24.28
CA CYS C 147 9.41 14.36 25.36
C CYS C 147 10.91 14.35 25.07
N LEU C 148 11.53 15.49 25.37
CA LEU C 148 12.96 15.68 25.25
C LEU C 148 13.60 15.38 26.59
N VAL C 149 14.52 14.42 26.61
CA VAL C 149 15.19 13.96 27.82
C VAL C 149 16.65 14.38 27.71
N LYS C 150 17.07 15.32 28.54
CA LYS C 150 18.37 15.95 28.33
C LYS C 150 19.03 16.24 29.66
N ASP C 151 20.29 16.65 29.59
CA ASP C 151 21.06 17.15 30.73
C ASP C 151 21.37 16.04 31.73
N TYR C 152 21.62 14.83 31.26
CA TYR C 152 21.94 13.72 32.15
C TYR C 152 23.29 13.13 31.79
N PHE C 153 23.86 12.42 32.77
CA PHE C 153 25.15 11.77 32.62
C PHE C 153 25.29 10.75 33.73
N PRO C 154 25.81 9.55 33.47
CA PRO C 154 26.17 9.03 32.15
C PRO C 154 24.98 8.36 31.46
N GLU C 155 25.22 7.72 30.33
CA GLU C 155 24.23 6.82 29.75
C GLU C 155 24.08 5.58 30.63
N PRO C 156 22.94 4.87 30.54
CA PRO C 156 21.75 5.11 29.72
C PRO C 156 20.55 5.62 30.52
N VAL C 157 19.51 6.06 29.82
CA VAL C 157 18.17 6.18 30.38
C VAL C 157 17.27 5.14 29.72
N THR C 158 16.18 4.81 30.40
CA THR C 158 15.09 4.06 29.80
C THR C 158 13.87 4.96 29.73
N VAL C 159 13.17 4.91 28.60
CA VAL C 159 11.97 5.70 28.36
C VAL C 159 10.82 4.75 28.01
N SER C 160 9.71 4.89 28.71
CA SER C 160 8.47 4.22 28.34
C SER C 160 7.37 5.25 28.26
N TRP C 161 6.20 4.83 27.77
CA TRP C 161 5.04 5.70 27.67
C TRP C 161 3.87 5.03 28.38
N ASN C 162 3.14 5.83 29.17
CA ASN C 162 1.99 5.36 29.94
C ASN C 162 2.31 4.08 30.70
N SER C 163 3.41 4.14 31.47
CA SER C 163 3.90 3.01 32.27
C SER C 163 4.02 1.72 31.47
N GLY C 164 4.35 1.86 30.18
CA GLY C 164 4.52 0.71 29.31
C GLY C 164 3.27 0.24 28.62
N SER C 165 2.14 0.91 28.83
CA SER C 165 0.92 0.55 28.12
C SER C 165 0.97 0.93 26.64
N LEU C 166 1.70 1.99 26.30
CA LEU C 166 1.74 2.54 24.95
C LEU C 166 3.09 2.19 24.33
N THR C 167 3.08 1.32 23.32
CA THR C 167 4.33 0.93 22.67
C THR C 167 4.27 1.13 21.17
N SER C 168 3.09 0.98 20.57
CA SER C 168 2.99 1.11 19.12
C SER C 168 3.16 2.56 18.72
N GLY C 169 3.96 2.80 17.69
CA GLY C 169 4.27 4.14 17.23
C GLY C 169 5.34 4.86 18.02
N VAL C 170 5.95 4.22 19.01
CA VAL C 170 6.99 4.87 19.81
C VAL C 170 8.32 4.75 19.08
N HIS C 171 9.03 5.88 18.98
CA HIS C 171 10.41 5.91 18.50
C HIS C 171 11.22 6.67 19.53
N THR C 172 12.16 6.00 20.17
CA THR C 172 13.09 6.64 21.10
C THR C 172 14.46 6.72 20.45
N PHE C 173 14.98 7.94 20.31
CA PHE C 173 16.18 8.14 19.52
C PHE C 173 17.44 7.87 20.33
N PRO C 174 18.52 7.45 19.66
CA PRO C 174 19.82 7.35 20.34
C PRO C 174 20.24 8.69 20.91
N ALA C 175 20.81 8.65 22.11
CA ALA C 175 21.29 9.88 22.74
C ALA C 175 22.53 10.40 22.03
N VAL C 176 22.67 11.72 22.01
CA VAL C 176 23.84 12.41 21.50
C VAL C 176 24.48 13.18 22.65
N LEU C 177 25.80 13.15 22.72
CA LEU C 177 26.53 13.91 23.74
C LEU C 177 26.61 15.37 23.30
N GLN C 178 26.12 16.28 24.14
CA GLN C 178 26.09 17.71 23.87
C GLN C 178 27.41 18.38 24.24
N SER C 179 27.56 19.64 23.81
CA SER C 179 28.73 20.45 24.16
C SER C 179 28.86 20.63 25.67
N SER C 180 27.75 20.57 26.40
CA SER C 180 27.77 20.61 27.84
C SER C 180 28.37 19.35 28.47
N GLY C 181 28.68 18.34 27.67
CA GLY C 181 29.10 17.08 28.24
C GLY C 181 27.98 16.23 28.77
N LEU C 182 26.73 16.64 28.54
CA LEU C 182 25.56 15.90 28.99
C LEU C 182 24.80 15.36 27.79
N TYR C 183 24.05 14.28 28.03
CA TYR C 183 23.38 13.60 26.94
C TYR C 183 21.99 14.17 26.70
N SER C 184 21.50 13.96 25.47
CA SER C 184 20.19 14.44 25.07
C SER C 184 19.58 13.51 24.03
N LEU C 185 18.29 13.22 24.20
CA LEU C 185 17.55 12.42 23.23
C LEU C 185 16.12 12.88 23.24
N SER C 186 15.38 12.49 22.21
CA SER C 186 13.93 12.66 22.23
C SER C 186 13.28 11.29 22.08
N SER C 187 12.11 11.15 22.69
CA SER C 187 11.23 10.02 22.47
C SER C 187 9.91 10.59 21.96
N VAL C 188 9.40 9.99 20.89
CA VAL C 188 8.18 10.48 20.24
C VAL C 188 7.23 9.31 20.03
N VAL C 189 5.97 9.65 19.82
CA VAL C 189 4.91 8.68 19.57
C VAL C 189 3.84 9.36 18.72
N THR C 190 3.34 8.64 17.71
CA THR C 190 2.23 9.12 16.91
C THR C 190 0.94 8.47 17.40
N VAL C 191 -0.11 9.28 17.55
CA VAL C 191 -1.38 8.84 18.11
C VAL C 191 -2.52 9.39 17.26
N PRO C 192 -3.69 8.77 17.35
CA PRO C 192 -4.87 9.34 16.69
C PRO C 192 -5.21 10.70 17.28
N SER C 193 -5.43 11.68 16.40
CA SER C 193 -5.72 13.03 16.87
C SER C 193 -6.98 13.06 17.74
N SER C 194 -7.98 12.26 17.38
CA SER C 194 -9.22 12.21 18.15
C SER C 194 -8.97 11.86 19.61
N SER C 195 -7.92 11.09 19.89
CA SER C 195 -7.66 10.66 21.26
C SER C 195 -7.11 11.77 22.15
N LEU C 196 -6.69 12.89 21.56
CA LEU C 196 -5.94 13.91 22.31
C LEU C 196 -6.72 14.42 23.51
N GLY C 197 -8.03 14.60 23.37
CA GLY C 197 -8.81 15.09 24.49
C GLY C 197 -9.10 14.05 25.57
N THR C 198 -9.23 12.78 25.18
CA THR C 198 -9.56 11.71 26.13
C THR C 198 -8.37 10.99 26.77
N GLN C 199 -7.33 10.64 26.02
CA GLN C 199 -6.30 9.77 26.54
C GLN C 199 -5.13 10.62 27.04
N THR C 200 -4.65 10.32 28.25
CA THR C 200 -3.49 11.00 28.81
C THR C 200 -2.23 10.35 28.27
N TYR C 201 -1.23 11.18 27.96
CA TYR C 201 0.05 10.71 27.45
C TYR C 201 1.16 11.20 28.37
N VAL C 202 1.88 10.26 28.97
CA VAL C 202 2.91 10.55 29.96
C VAL C 202 4.15 9.75 29.58
N CYS C 203 5.30 10.41 29.49
CA CYS C 203 6.54 9.69 29.27
C CYS C 203 7.22 9.45 30.61
N ASN C 204 7.69 8.22 30.82
CA ASN C 204 8.33 7.78 32.05
C ASN C 204 9.81 7.54 31.76
N VAL C 205 10.66 8.29 32.44
CA VAL C 205 12.10 8.24 32.27
C VAL C 205 12.70 7.69 33.57
N ASN C 206 13.57 6.70 33.42
CA ASN C 206 14.33 6.14 34.53
C ASN C 206 15.82 6.30 34.20
N HIS C 207 16.54 6.98 35.08
CA HIS C 207 18.00 7.12 34.99
C HIS C 207 18.59 6.37 36.19
N LYS C 208 18.87 5.08 35.97
CA LYS C 208 19.41 4.26 37.04
C LYS C 208 20.77 4.74 37.57
N PRO C 209 21.68 5.29 36.74
CA PRO C 209 22.94 5.79 37.30
C PRO C 209 22.78 6.80 38.41
N SER C 210 21.73 7.62 38.38
CA SER C 210 21.47 8.58 39.45
C SER C 210 20.31 8.16 40.35
N ASN C 211 19.72 6.98 40.11
CA ASN C 211 18.51 6.55 40.80
C ASN C 211 17.47 7.67 40.80
N THR C 212 17.28 8.29 39.63
CA THR C 212 16.25 9.31 39.50
C THR C 212 15.25 8.93 38.43
N LYS C 213 14.00 9.35 38.64
CA LYS C 213 12.94 9.15 37.66
C LYS C 213 12.23 10.47 37.39
N VAL C 214 11.70 10.58 36.19
CA VAL C 214 10.85 11.71 35.82
C VAL C 214 9.64 11.17 35.07
N ASP C 215 8.44 11.60 35.45
CA ASP C 215 7.25 11.31 34.68
C ASP C 215 6.69 12.64 34.21
N LYS C 216 6.46 12.76 32.90
CA LYS C 216 6.07 14.05 32.34
C LYS C 216 4.83 13.88 31.49
N ARG C 217 3.77 14.57 31.90
CA ARG C 217 2.56 14.70 31.09
C ARG C 217 2.86 15.54 29.87
N VAL C 218 2.45 15.07 28.70
CA VAL C 218 2.63 15.83 27.45
C VAL C 218 1.28 16.47 27.13
N GLU C 219 1.18 17.77 27.39
CA GLU C 219 -0.07 18.49 27.26
C GLU C 219 -0.05 19.41 26.05
N ILE C 220 -1.24 19.67 25.52
CA ILE C 220 -1.43 20.58 24.40
C ILE C 220 -1.48 22.02 24.93
N ASP D 1 48.72 -11.63 16.27
CA ASP D 1 47.32 -11.19 16.12
C ASP D 1 46.83 -11.39 14.69
N ILE D 2 45.82 -12.25 14.53
CA ILE D 2 45.24 -12.49 13.21
C ILE D 2 44.19 -11.41 12.96
N GLN D 3 44.36 -10.65 11.88
CA GLN D 3 43.43 -9.60 11.53
C GLN D 3 42.31 -10.17 10.66
N MET D 4 41.09 -9.72 10.93
CA MET D 4 39.89 -10.19 10.22
C MET D 4 39.25 -9.00 9.52
N THR D 5 39.07 -9.10 8.21
CA THR D 5 38.50 -8.01 7.40
C THR D 5 37.22 -8.52 6.77
N GLN D 6 36.07 -7.97 7.18
CA GLN D 6 34.83 -8.42 6.56
C GLN D 6 34.29 -7.32 5.65
N SER D 7 33.61 -7.77 4.60
CA SER D 7 33.03 -6.91 3.57
C SER D 7 31.67 -7.46 3.18
N PRO D 8 30.69 -6.58 2.89
CA PRO D 8 30.80 -5.13 3.01
C PRO D 8 30.61 -4.68 4.46
N SER D 9 30.82 -3.39 4.72
CA SER D 9 30.58 -2.86 6.06
C SER D 9 29.08 -2.69 6.33
N SER D 10 28.30 -2.47 5.28
CA SER D 10 26.84 -2.34 5.37
C SER D 10 26.25 -2.88 4.08
N LEU D 11 25.01 -3.34 4.16
CA LEU D 11 24.30 -3.76 2.95
C LEU D 11 22.81 -3.71 3.20
N SER D 12 22.06 -3.54 2.12
CA SER D 12 20.61 -3.57 2.16
C SER D 12 20.11 -4.43 1.01
N ALA D 13 19.05 -5.18 1.27
CA ALA D 13 18.50 -6.08 0.26
C ALA D 13 17.04 -6.32 0.57
N SER D 14 16.30 -6.70 -0.45
CA SER D 14 14.86 -6.90 -0.27
C SER D 14 14.60 -8.21 0.46
N VAL D 15 13.41 -8.29 1.06
CA VAL D 15 12.99 -9.53 1.70
C VAL D 15 12.98 -10.65 0.66
N GLY D 16 13.59 -11.78 1.01
CA GLY D 16 13.66 -12.90 0.10
C GLY D 16 14.90 -12.92 -0.78
N ASP D 17 15.68 -11.84 -0.79
CA ASP D 17 16.92 -11.79 -1.55
C ASP D 17 17.99 -12.67 -0.90
N ARG D 18 19.00 -13.00 -1.69
CA ARG D 18 20.20 -13.68 -1.19
C ARG D 18 21.30 -12.66 -0.94
N VAL D 19 21.87 -12.69 0.27
CA VAL D 19 22.96 -11.77 0.61
C VAL D 19 24.18 -12.57 1.05
N THR D 20 25.35 -12.02 0.77
CA THR D 20 26.62 -12.66 1.07
C THR D 20 27.52 -11.68 1.79
N ILE D 21 28.14 -12.14 2.88
CA ILE D 21 29.11 -11.39 3.65
C ILE D 21 30.41 -12.19 3.63
N THR D 22 31.53 -11.51 3.42
CA THR D 22 32.81 -12.19 3.33
C THR D 22 33.72 -11.75 4.46
N CYS D 23 34.65 -12.64 4.81
CA CYS D 23 35.61 -12.42 5.87
C CYS D 23 36.95 -12.96 5.36
N ARG D 24 37.97 -12.11 5.40
CA ARG D 24 39.32 -12.49 5.00
C ARG D 24 40.23 -12.38 6.21
N ALA D 25 40.89 -13.46 6.56
CA ALA D 25 41.86 -13.44 7.65
C ALA D 25 43.25 -13.16 7.10
N SER D 26 44.09 -12.55 7.94
CA SER D 26 45.45 -12.22 7.53
C SER D 26 46.33 -13.45 7.34
N GLN D 27 45.88 -14.63 7.78
CA GLN D 27 46.58 -15.89 7.56
C GLN D 27 45.54 -17.00 7.59
N GLY D 28 45.95 -18.19 7.16
CA GLY D 28 45.04 -19.31 7.17
C GLY D 28 44.60 -19.67 8.57
N ILE D 29 43.30 -19.94 8.74
CA ILE D 29 42.75 -20.26 10.05
C ILE D 29 42.05 -21.63 10.08
N ASP D 30 42.25 -22.45 9.04
CA ASP D 30 41.88 -23.86 9.06
C ASP D 30 40.42 -24.07 9.48
N ASN D 31 39.53 -23.27 8.91
CA ASN D 31 38.08 -23.32 9.15
C ASN D 31 37.71 -23.06 10.61
N ASN D 32 38.64 -22.57 11.43
CA ASN D 32 38.31 -22.25 12.82
C ASN D 32 37.70 -20.85 12.90
N LEU D 33 36.45 -20.78 12.43
CA LEU D 33 35.74 -19.51 12.26
C LEU D 33 34.30 -19.67 12.72
N SER D 34 33.79 -18.64 13.39
CA SER D 34 32.40 -18.57 13.80
C SER D 34 31.76 -17.33 13.21
N TRP D 35 30.45 -17.38 13.02
CA TRP D 35 29.67 -16.22 12.64
C TRP D 35 28.67 -15.91 13.74
N TYR D 36 28.60 -14.64 14.15
CA TYR D 36 27.70 -14.17 15.19
C TYR D 36 26.73 -13.15 14.62
N GLN D 37 25.52 -13.10 15.19
CA GLN D 37 24.49 -12.13 14.85
C GLN D 37 24.14 -11.32 16.09
N GLN D 38 24.13 -9.99 15.96
CA GLN D 38 23.78 -9.12 17.07
C GLN D 38 22.61 -8.24 16.64
N LYS D 39 21.44 -8.53 17.19
CA LYS D 39 20.26 -7.72 16.95
C LYS D 39 20.30 -6.47 17.82
N PRO D 40 19.57 -5.42 17.43
CA PRO D 40 19.71 -4.13 18.14
C PRO D 40 19.36 -4.23 19.62
N GLY D 41 20.27 -3.72 20.46
CA GLY D 41 20.08 -3.73 21.89
C GLY D 41 20.42 -5.03 22.60
N LYS D 42 20.87 -6.05 21.86
CA LYS D 42 21.04 -7.39 22.41
C LYS D 42 22.50 -7.82 22.33
N ALA D 43 22.82 -8.85 23.11
CA ALA D 43 24.13 -9.47 23.00
C ALA D 43 24.24 -10.27 21.70
N PRO D 44 25.44 -10.43 21.17
CA PRO D 44 25.60 -11.31 20.00
C PRO D 44 25.15 -12.73 20.31
N MET D 45 24.71 -13.43 19.26
CA MET D 45 24.40 -14.85 19.34
C MET D 45 25.04 -15.56 18.16
N ARG D 46 25.60 -16.74 18.41
CA ARG D 46 26.35 -17.44 17.38
C ARG D 46 25.42 -18.15 16.41
N LEU D 47 25.72 -18.01 15.11
CA LEU D 47 24.98 -18.71 14.06
C LEU D 47 25.61 -20.05 13.71
N MET D 48 26.94 -20.10 13.65
CA MET D 48 27.63 -21.32 13.26
C MET D 48 29.09 -21.23 13.69
N HIS D 49 29.71 -22.41 13.79
CA HIS D 49 31.12 -22.56 14.13
C HIS D 49 31.75 -23.53 13.12
N HIS D 50 33.09 -23.64 13.18
CA HIS D 50 33.83 -24.46 12.22
C HIS D 50 33.48 -24.05 10.79
N SER D 51 33.15 -22.77 10.66
CA SER D 51 32.83 -22.01 9.47
C SER D 51 31.50 -22.39 8.82
N SER D 52 30.97 -23.59 9.11
CA SER D 52 29.75 -24.01 8.42
C SER D 52 28.77 -24.81 9.27
N THR D 53 29.08 -25.12 10.53
CA THR D 53 28.23 -25.97 11.35
C THR D 53 27.26 -25.10 12.14
N LEU D 54 25.98 -25.15 11.75
CA LEU D 54 24.97 -24.29 12.35
C LEU D 54 24.69 -24.69 13.80
N GLU D 55 24.36 -23.69 14.62
CA GLU D 55 23.92 -23.97 15.99
C GLU D 55 22.47 -24.42 15.99
N THR D 56 22.08 -25.05 17.09
CA THR D 56 20.71 -25.51 17.26
C THR D 56 19.73 -24.35 17.09
N GLY D 57 18.70 -24.58 16.27
CA GLY D 57 17.64 -23.60 16.08
C GLY D 57 17.96 -22.48 15.12
N VAL D 58 19.13 -22.45 14.51
CA VAL D 58 19.46 -21.40 13.54
C VAL D 58 18.77 -21.72 12.21
N PRO D 59 18.06 -20.78 11.61
CA PRO D 59 17.34 -21.07 10.36
C PRO D 59 18.29 -21.54 9.26
N SER D 60 17.81 -22.47 8.44
CA SER D 60 18.63 -23.07 7.39
C SER D 60 19.01 -22.10 6.28
N ARG D 61 18.36 -20.94 6.19
CA ARG D 61 18.78 -19.94 5.22
C ARG D 61 20.20 -19.44 5.47
N PHE D 62 20.73 -19.61 6.68
CA PHE D 62 22.10 -19.23 6.99
C PHE D 62 23.04 -20.37 6.63
N SER D 63 24.09 -20.05 5.87
CA SER D 63 25.09 -21.08 5.56
C SER D 63 26.46 -20.44 5.50
N GLY D 64 27.49 -21.23 5.81
CA GLY D 64 28.86 -20.76 5.77
C GLY D 64 29.68 -21.57 4.80
N SER D 65 30.69 -20.93 4.20
CA SER D 65 31.59 -21.63 3.30
C SER D 65 32.96 -20.97 3.34
N GLY D 66 33.92 -21.60 2.68
CA GLY D 66 35.26 -21.05 2.57
C GLY D 66 36.30 -21.99 3.15
N SER D 67 37.55 -21.57 2.99
CA SER D 67 38.66 -22.33 3.53
C SER D 67 39.90 -21.44 3.56
N GLY D 68 40.95 -21.95 4.19
CA GLY D 68 42.19 -21.21 4.26
C GLY D 68 41.99 -19.91 4.99
N ALA D 69 42.04 -18.80 4.26
CA ALA D 69 41.85 -17.49 4.83
C ALA D 69 40.58 -16.79 4.37
N ASP D 70 39.76 -17.42 3.53
CA ASP D 70 38.64 -16.73 2.90
C ASP D 70 37.34 -17.46 3.21
N TYR D 71 36.39 -16.76 3.82
CA TYR D 71 35.14 -17.37 4.26
C TYR D 71 33.97 -16.46 3.91
N SER D 72 32.78 -17.06 3.86
CA SER D 72 31.57 -16.37 3.47
C SER D 72 30.39 -16.88 4.30
N LEU D 73 29.54 -15.94 4.69
CA LEU D 73 28.22 -16.23 5.25
C LEU D 73 27.17 -15.83 4.23
N THR D 74 26.26 -16.74 3.91
CA THR D 74 25.20 -16.49 2.94
C THR D 74 23.86 -16.60 3.66
N ILE D 75 23.01 -15.60 3.46
CA ILE D 75 21.62 -15.64 3.88
C ILE D 75 20.77 -15.82 2.63
N SER D 76 20.19 -17.01 2.47
CA SER D 76 19.40 -17.36 1.29
C SER D 76 17.93 -17.05 1.56
N GLY D 77 17.57 -15.79 1.36
CA GLY D 77 16.25 -15.24 1.59
C GLY D 77 16.18 -14.41 2.85
N LEU D 78 16.58 -13.15 2.73
CA LEU D 78 16.67 -12.25 3.87
C LEU D 78 15.28 -11.98 4.43
N GLN D 79 15.15 -12.08 5.74
CA GLN D 79 13.90 -11.81 6.44
C GLN D 79 14.04 -10.57 7.33
N PRO D 80 12.91 -9.94 7.67
CA PRO D 80 12.99 -8.76 8.55
C PRO D 80 13.63 -9.05 9.88
N GLU D 81 13.46 -10.25 10.43
CA GLU D 81 14.06 -10.57 11.71
C GLU D 81 15.55 -10.85 11.61
N ASP D 82 16.14 -10.77 10.41
CA ASP D 82 17.58 -10.90 10.24
C ASP D 82 18.30 -9.55 10.26
N VAL D 83 17.56 -8.45 10.42
CA VAL D 83 18.19 -7.12 10.51
C VAL D 83 19.10 -7.11 11.73
N ALA D 84 20.40 -6.88 11.50
CA ALA D 84 21.35 -7.07 12.60
C ALA D 84 22.74 -6.70 12.14
N ILE D 85 23.69 -6.71 13.07
CA ILE D 85 25.10 -6.64 12.73
C ILE D 85 25.70 -8.04 12.84
N TYR D 86 26.38 -8.47 11.79
CA TYR D 86 26.98 -9.79 11.74
C TYR D 86 28.50 -9.68 11.86
N TYR D 87 29.12 -10.58 12.64
CA TYR D 87 30.55 -10.57 12.86
C TYR D 87 31.15 -11.94 12.59
N CYS D 88 32.30 -11.99 11.92
CA CYS D 88 33.10 -13.20 11.91
C CYS D 88 34.07 -13.19 13.10
N GLN D 89 34.53 -14.39 13.47
CA GLN D 89 35.48 -14.55 14.57
C GLN D 89 36.40 -15.73 14.27
N GLN D 90 37.70 -15.55 14.45
CA GLN D 90 38.64 -16.65 14.33
C GLN D 90 39.04 -17.15 15.72
N TYR D 91 39.15 -18.47 15.86
CA TYR D 91 39.70 -19.08 17.05
C TYR D 91 40.80 -20.06 16.65
N GLU D 92 41.55 -19.68 15.62
CA GLU D 92 42.77 -20.42 15.28
C GLU D 92 43.88 -20.15 16.31
N ASN D 93 44.01 -18.90 16.76
CA ASN D 93 45.05 -18.47 17.68
C ASN D 93 44.48 -17.53 18.72
N PHE D 94 45.17 -17.44 19.86
CA PHE D 94 44.95 -16.31 20.74
C PHE D 94 45.81 -15.14 20.30
N PRO D 95 45.35 -13.88 20.46
CA PRO D 95 44.04 -13.54 21.01
C PRO D 95 42.91 -13.80 20.03
N ILE D 96 41.74 -14.16 20.56
CA ILE D 96 40.55 -14.21 19.72
C ILE D 96 40.36 -12.84 19.08
N THR D 97 40.03 -12.83 17.79
CA THR D 97 39.79 -11.57 17.08
C THR D 97 38.51 -11.69 16.25
N PHE D 98 37.82 -10.55 16.11
CA PHE D 98 36.58 -10.46 15.36
C PHE D 98 36.78 -9.57 14.14
N GLY D 99 35.94 -9.80 13.13
CA GLY D 99 35.82 -8.86 12.04
C GLY D 99 35.15 -7.58 12.52
N GLY D 100 35.21 -6.55 11.67
CA GLY D 100 34.65 -5.24 12.03
C GLY D 100 33.13 -5.16 12.02
N GLY D 101 32.45 -6.13 11.44
CA GLY D 101 31.01 -6.13 11.45
C GLY D 101 30.41 -5.72 10.12
N THR D 102 29.22 -6.26 9.84
CA THR D 102 28.45 -5.94 8.65
C THR D 102 27.01 -5.68 9.08
N LYS D 103 26.53 -4.46 8.85
CA LYS D 103 25.15 -4.12 9.17
C LYS D 103 24.24 -4.54 8.02
N VAL D 104 23.18 -5.29 8.35
CA VAL D 104 22.21 -5.78 7.38
C VAL D 104 20.85 -5.16 7.68
N GLU D 105 20.33 -4.43 6.68
CA GLU D 105 19.03 -3.77 6.68
C GLU D 105 18.19 -4.24 5.50
N ILE D 106 16.89 -3.98 5.58
CA ILE D 106 15.94 -4.39 4.55
C ILE D 106 15.74 -3.24 3.57
N LYS D 107 15.82 -3.53 2.27
CA LYS D 107 15.43 -2.60 1.23
C LYS D 107 13.93 -2.67 0.97
N ARG D 108 13.31 -1.51 0.81
CA ARG D 108 11.87 -1.46 0.55
C ARG D 108 11.56 -0.25 -0.33
N THR D 109 10.27 -0.06 -0.59
CA THR D 109 9.84 1.04 -1.45
C THR D 109 10.11 2.39 -0.78
N VAL D 110 10.28 3.42 -1.59
CA VAL D 110 10.46 4.77 -1.08
C VAL D 110 9.23 5.16 -0.26
N ALA D 111 9.48 5.76 0.89
CA ALA D 111 8.42 6.30 1.74
C ALA D 111 8.78 7.72 2.16
N ALA D 112 7.86 8.65 1.95
CA ALA D 112 8.14 10.04 2.30
C ALA D 112 7.99 10.24 3.80
N PRO D 113 8.84 11.08 4.40
CA PRO D 113 8.72 11.31 5.84
C PRO D 113 7.52 12.17 6.17
N SER D 114 6.86 11.87 7.29
CA SER D 114 5.92 12.81 7.87
C SER D 114 6.69 13.74 8.79
N VAL D 115 6.56 15.05 8.57
CA VAL D 115 7.41 16.04 9.22
C VAL D 115 6.60 16.79 10.27
N PHE D 116 7.18 16.92 11.47
CA PHE D 116 6.58 17.66 12.56
C PHE D 116 7.64 18.57 13.17
N ILE D 117 7.22 19.72 13.68
CA ILE D 117 8.13 20.61 14.38
C ILE D 117 7.55 20.90 15.75
N PHE D 118 8.42 20.94 16.76
CA PHE D 118 8.05 21.06 18.17
C PHE D 118 8.72 22.28 18.74
N PRO D 119 7.92 23.30 19.08
CA PRO D 119 8.48 24.48 19.74
C PRO D 119 8.86 24.16 21.17
N PRO D 120 9.88 24.81 21.70
CA PRO D 120 10.31 24.54 23.07
C PRO D 120 9.26 24.93 24.10
N SER D 121 9.18 24.15 25.17
CA SER D 121 8.34 24.51 26.30
C SER D 121 8.93 25.74 26.99
N GLU D 122 8.12 26.37 27.85
CA GLU D 122 8.60 27.59 28.48
C GLU D 122 9.44 27.31 29.71
N ASP D 123 9.37 26.09 30.27
CA ASP D 123 10.43 25.63 31.17
C ASP D 123 11.78 25.66 30.47
N GLN D 124 11.84 25.15 29.25
CA GLN D 124 13.06 25.19 28.47
C GLN D 124 13.56 26.61 28.31
N VAL D 125 12.66 27.53 27.94
CA VAL D 125 13.03 28.93 27.79
C VAL D 125 13.55 29.49 29.10
N LYS D 126 12.90 29.17 30.22
CA LYS D 126 13.37 29.68 31.50
C LYS D 126 14.71 29.06 31.91
N SER D 127 15.09 27.94 31.31
CA SER D 127 16.29 27.22 31.73
C SER D 127 17.58 27.92 31.32
N GLY D 128 17.54 28.74 30.28
CA GLY D 128 18.74 29.33 29.71
C GLY D 128 19.11 28.77 28.35
N THR D 129 18.66 27.56 28.04
CA THR D 129 18.99 26.89 26.78
C THR D 129 17.72 26.27 26.22
N VAL D 130 17.58 26.35 24.90
CA VAL D 130 16.36 25.93 24.22
C VAL D 130 16.71 24.96 23.11
N SER D 131 15.91 23.91 22.97
CA SER D 131 16.08 22.92 21.91
C SER D 131 14.78 22.83 21.13
N VAL D 132 14.84 23.14 19.84
CA VAL D 132 13.72 23.05 18.91
C VAL D 132 13.85 21.74 18.18
N VAL D 133 12.77 20.94 18.13
CA VAL D 133 12.90 19.59 17.57
C VAL D 133 12.11 19.48 16.27
N CYS D 134 12.75 18.94 15.24
CA CYS D 134 12.10 18.60 13.97
C CYS D 134 12.17 17.10 13.79
N LEU D 135 11.02 16.46 13.60
CA LEU D 135 10.91 15.01 13.48
C LEU D 135 10.48 14.61 12.08
N LEU D 136 11.23 13.69 11.48
CA LEU D 136 10.89 13.04 10.22
C LEU D 136 10.53 11.60 10.56
N ASN D 137 9.26 11.24 10.37
CA ASN D 137 8.74 9.97 10.83
C ASN D 137 8.48 9.03 9.67
N ASN D 138 8.99 7.80 9.79
CA ASN D 138 8.61 6.63 8.99
C ASN D 138 8.88 6.87 7.50
N PHE D 139 10.17 7.00 7.18
CA PHE D 139 10.59 7.23 5.80
C PHE D 139 11.62 6.19 5.38
N TYR D 140 11.79 6.06 4.06
CA TYR D 140 12.79 5.22 3.44
C TYR D 140 13.06 5.79 2.06
N PRO D 141 14.32 5.89 1.63
CA PRO D 141 15.48 5.45 2.39
C PRO D 141 15.94 6.40 3.49
N ARG D 142 16.98 5.94 4.19
CA ARG D 142 17.54 6.64 5.34
C ARG D 142 17.98 8.05 5.01
N GLU D 143 18.49 8.26 3.81
CA GLU D 143 19.10 9.54 3.45
C GLU D 143 18.04 10.63 3.33
N ALA D 144 18.26 11.73 4.04
CA ALA D 144 17.35 12.87 3.97
C ALA D 144 18.14 14.13 4.28
N SER D 145 17.60 15.27 3.86
CA SER D 145 18.23 16.55 4.12
C SER D 145 17.28 17.41 4.95
N VAL D 146 17.79 17.93 6.05
CA VAL D 146 17.03 18.79 6.95
C VAL D 146 17.80 20.09 7.07
N LYS D 147 17.17 21.19 6.67
CA LYS D 147 17.75 22.52 6.76
C LYS D 147 16.92 23.34 7.73
N TRP D 148 17.59 24.12 8.57
CA TRP D 148 16.91 25.00 9.50
C TRP D 148 16.86 26.40 8.91
N LYS D 149 15.69 27.05 9.02
CA LYS D 149 15.54 28.43 8.59
C LYS D 149 14.91 29.24 9.70
N VAL D 150 15.53 30.39 9.96
CA VAL D 150 15.19 31.28 11.07
C VAL D 150 14.84 32.62 10.43
N ASP D 151 13.56 32.98 10.47
CA ASP D 151 13.07 34.18 9.80
C ASP D 151 13.46 34.17 8.33
N GLY D 152 13.43 32.98 7.73
CA GLY D 152 13.72 32.79 6.34
C GLY D 152 15.18 32.65 5.98
N VAL D 153 16.10 32.76 6.93
CA VAL D 153 17.52 32.69 6.64
C VAL D 153 18.03 31.29 7.02
N LEU D 154 19.07 30.85 6.35
CA LEU D 154 19.58 29.51 6.61
C LEU D 154 20.45 29.54 7.85
N LYS D 155 20.30 28.53 8.70
CA LYS D 155 20.89 28.50 10.03
C LYS D 155 21.69 27.22 10.14
N THR D 156 23.01 27.35 10.06
CA THR D 156 23.94 26.24 10.15
C THR D 156 24.76 26.34 11.43
N GLY D 157 25.14 25.17 11.96
CA GLY D 157 26.07 25.08 13.06
C GLY D 157 25.52 24.56 14.38
N ASN D 158 24.28 24.87 14.72
CA ASN D 158 23.77 24.53 16.05
C ASN D 158 22.70 23.45 16.03
N SER D 159 22.79 22.51 15.09
CA SER D 159 21.86 21.39 15.02
C SER D 159 22.62 20.07 15.11
N GLN D 160 21.88 19.04 15.53
CA GLN D 160 22.39 17.68 15.60
C GLN D 160 21.29 16.72 15.18
N GLU D 161 21.69 15.62 14.54
CA GLU D 161 20.73 14.66 14.03
C GLU D 161 20.91 13.31 14.69
N SER D 162 19.80 12.58 14.82
CA SER D 162 19.79 11.24 15.36
C SER D 162 18.80 10.40 14.56
N VAL D 163 19.12 9.14 14.34
CA VAL D 163 18.30 8.26 13.51
C VAL D 163 18.02 6.98 14.29
N THR D 164 16.77 6.54 14.27
CA THR D 164 16.41 5.29 14.90
C THR D 164 16.99 4.12 14.11
N GLU D 165 16.96 2.93 14.74
CA GLU D 165 17.20 1.72 13.97
C GLU D 165 16.00 1.46 13.07
N GLN D 166 16.20 0.60 12.08
CA GLN D 166 15.12 0.31 11.14
C GLN D 166 13.94 -0.31 11.88
N ASP D 167 12.76 0.23 11.65
CA ASP D 167 11.58 -0.28 12.33
C ASP D 167 11.25 -1.68 11.83
N SER D 168 10.88 -2.55 12.76
CA SER D 168 10.70 -3.97 12.47
C SER D 168 9.34 -4.28 11.84
N LYS D 169 8.48 -3.28 11.65
CA LYS D 169 7.16 -3.51 11.08
C LYS D 169 7.03 -2.99 9.66
N ASP D 170 7.45 -1.75 9.40
CA ASP D 170 7.37 -1.18 8.05
C ASP D 170 8.74 -0.98 7.42
N ASN D 171 9.82 -1.39 8.09
CA ASN D 171 11.18 -1.28 7.56
C ASN D 171 11.54 0.16 7.22
N THR D 172 10.99 1.12 7.97
CA THR D 172 11.29 2.53 7.78
C THR D 172 12.21 3.05 8.88
N TYR D 173 12.67 4.28 8.70
CA TYR D 173 13.49 4.99 9.66
C TYR D 173 12.75 6.23 10.15
N SER D 174 13.19 6.73 11.30
CA SER D 174 12.79 8.04 11.79
C SER D 174 14.04 8.81 12.18
N LEU D 175 13.93 10.13 12.13
CA LEU D 175 15.08 11.01 12.29
C LEU D 175 14.64 12.23 13.09
N SER D 176 15.49 12.66 14.01
CA SER D 176 15.31 13.91 14.71
C SER D 176 16.45 14.85 14.34
N SER D 177 16.11 16.11 14.07
CA SER D 177 17.06 17.19 13.96
C SER D 177 16.74 18.19 15.05
N THR D 178 17.72 18.47 15.90
CA THR D 178 17.51 19.29 17.09
C THR D 178 18.39 20.52 16.97
N LEU D 179 17.77 21.69 17.01
CA LEU D 179 18.47 22.97 16.98
C LEU D 179 18.54 23.52 18.41
N THR D 180 19.75 23.70 18.92
CA THR D 180 19.94 24.16 20.29
C THR D 180 20.54 25.56 20.28
N LEU D 181 19.88 26.46 21.01
CA LEU D 181 20.30 27.86 21.06
C LEU D 181 20.23 28.36 22.50
N SER D 182 20.85 29.51 22.74
CA SER D 182 20.66 30.19 24.00
C SER D 182 19.27 30.81 24.04
N ASN D 183 18.85 31.18 25.25
CA ASN D 183 17.56 31.84 25.42
C ASN D 183 17.49 33.14 24.63
N THR D 184 18.54 33.94 24.70
CA THR D 184 18.51 35.25 24.08
C THR D 184 18.55 35.13 22.56
N ASP D 185 19.38 34.22 22.04
CA ASP D 185 19.39 33.97 20.61
C ASP D 185 18.05 33.43 20.14
N TYR D 186 17.43 32.56 20.94
CA TYR D 186 16.13 32.01 20.55
C TYR D 186 15.07 33.10 20.50
N GLN D 187 15.05 33.98 21.50
CA GLN D 187 14.04 35.02 21.59
C GLN D 187 14.37 36.25 20.76
N SER D 188 15.51 36.27 20.09
CA SER D 188 15.82 37.33 19.15
C SER D 188 15.28 37.06 17.75
N HIS D 189 14.54 35.97 17.56
CA HIS D 189 13.97 35.63 16.27
C HIS D 189 12.51 35.24 16.45
N ASN D 190 11.79 35.14 15.32
CA ASN D 190 10.34 35.10 15.34
C ASN D 190 9.75 33.85 14.72
N VAL D 191 10.28 33.40 13.58
CA VAL D 191 9.75 32.24 12.88
C VAL D 191 10.83 31.18 12.79
N TYR D 192 10.48 29.94 13.15
CA TYR D 192 11.41 28.83 13.09
C TYR D 192 10.82 27.79 12.16
N ALA D 193 11.63 27.31 11.22
CA ALA D 193 11.15 26.31 10.27
C ALA D 193 12.24 25.28 10.02
N CYS D 194 11.80 24.06 9.77
CA CYS D 194 12.69 23.04 9.24
C CYS D 194 12.15 22.60 7.88
N GLU D 195 13.07 22.46 6.94
CA GLU D 195 12.78 22.22 5.53
C GLU D 195 13.44 20.89 5.17
N VAL D 196 12.63 19.97 4.65
CA VAL D 196 13.01 18.57 4.48
C VAL D 196 12.93 18.22 3.01
N THR D 197 14.03 17.69 2.48
CA THR D 197 14.08 17.12 1.14
C THR D 197 14.41 15.64 1.21
N HIS D 198 13.68 14.86 0.41
CA HIS D 198 13.71 13.41 0.40
C HIS D 198 13.18 12.94 -0.93
N GLN D 199 13.53 11.70 -1.32
CA GLN D 199 13.05 11.16 -2.59
C GLN D 199 11.53 11.09 -2.64
N GLY D 200 10.89 10.83 -1.51
CA GLY D 200 9.44 10.72 -1.52
C GLY D 200 8.72 12.04 -1.65
N LEU D 201 9.45 13.15 -1.62
CA LEU D 201 8.87 14.48 -1.70
C LEU D 201 9.24 15.10 -3.04
N SER D 202 8.21 15.40 -3.84
CA SER D 202 8.45 16.08 -5.11
C SER D 202 9.04 17.47 -4.89
N SER D 203 8.54 18.17 -3.88
CA SER D 203 9.02 19.48 -3.47
C SER D 203 9.34 19.44 -1.98
N PRO D 204 10.31 20.24 -1.54
CA PRO D 204 10.64 20.28 -0.11
C PRO D 204 9.42 20.57 0.75
N VAL D 205 9.37 19.93 1.91
CA VAL D 205 8.28 20.16 2.86
C VAL D 205 8.84 21.01 3.99
N THR D 206 8.17 22.10 4.31
CA THR D 206 8.62 23.00 5.38
C THR D 206 7.58 23.04 6.48
N LYS D 207 8.03 22.85 7.71
CA LYS D 207 7.16 22.95 8.88
C LYS D 207 7.70 24.05 9.77
N SER D 208 6.81 24.89 10.30
CA SER D 208 7.25 26.13 10.92
C SER D 208 6.34 26.49 12.08
N PHE D 209 6.85 27.36 12.94
CA PHE D 209 6.05 27.91 14.03
C PHE D 209 6.53 29.31 14.37
N ASN D 210 5.65 30.04 15.07
CA ASN D 210 5.90 31.39 15.53
C ASN D 210 6.27 31.35 17.01
N ARG D 211 7.40 31.96 17.36
CA ARG D 211 7.84 31.96 18.75
C ARG D 211 6.85 32.69 19.64
N GLY D 212 6.52 32.07 20.78
CA GLY D 212 5.58 32.64 21.71
C GLY D 212 4.13 32.39 21.30
N ALA E 1 43.66 -25.20 17.12
CA ALA E 1 42.61 -24.26 17.45
C ALA E 1 42.59 -23.98 18.95
N VAL E 2 41.93 -22.89 19.33
CA VAL E 2 41.81 -22.44 20.70
C VAL E 2 40.33 -22.12 20.98
N GLY E 3 40.05 -21.72 22.21
CA GLY E 3 38.69 -21.29 22.53
C GLY E 3 37.72 -22.45 22.41
N ILE E 4 36.60 -22.20 21.72
CA ILE E 4 35.60 -23.26 21.56
C ILE E 4 36.14 -24.43 20.75
N GLY E 5 37.24 -24.24 20.02
CA GLY E 5 37.84 -25.30 19.23
C GLY E 5 38.98 -26.04 19.89
N ALA E 6 39.28 -25.76 21.16
CA ALA E 6 40.39 -26.43 21.83
C ALA E 6 40.10 -27.92 21.97
N VAL E 7 41.18 -28.71 22.01
CA VAL E 7 41.06 -30.15 22.10
C VAL E 7 41.93 -30.68 23.24
N ALA F 1 4.73 -5.79 -3.02
CA ALA F 1 3.59 -5.45 -3.88
C ALA F 1 3.82 -5.91 -5.31
N VAL F 2 2.74 -5.99 -6.09
CA VAL F 2 2.79 -6.43 -7.48
C VAL F 2 2.04 -5.41 -8.32
N GLY F 3 2.02 -5.65 -9.64
CA GLY F 3 1.29 -4.77 -10.53
C GLY F 3 1.93 -3.40 -10.58
N ILE F 4 1.09 -2.35 -10.43
CA ILE F 4 1.61 -1.00 -10.43
C ILE F 4 2.54 -0.74 -9.26
N GLY F 5 2.52 -1.62 -8.25
CA GLY F 5 3.36 -1.52 -7.08
C GLY F 5 4.63 -2.35 -7.14
N ALA F 6 4.91 -3.01 -8.26
CA ALA F 6 6.10 -3.83 -8.37
C ALA F 6 7.35 -2.95 -8.27
N VAL F 7 8.44 -3.55 -7.81
CA VAL F 7 9.69 -2.82 -7.62
C VAL F 7 10.81 -3.59 -8.30
N PHE F 8 11.61 -2.88 -9.10
CA PHE F 8 12.74 -3.49 -9.80
C PHE F 8 14.07 -2.92 -9.31
#